data_6K42
#
_entry.id   6K42
#
_cell.length_a   1.00
_cell.length_b   1.00
_cell.length_c   1.00
_cell.angle_alpha   90.00
_cell.angle_beta   90.00
_cell.angle_gamma   90.00
#
_symmetry.space_group_name_H-M   'P 1'
#
loop_
_entity.id
_entity.type
_entity.pdbx_description
1 polymer 'Guanine nucleotide-binding protein G(i) subunit alpha-1'
2 polymer 'Guanine nucleotide-binding protein G(I)/G(S)/G(T) subunit beta-1'
3 polymer 'Guanine nucleotide-binding protein G(I)/G(S)/G(O) subunit gamma-2'
4 polymer 'Alpha-2A adrenergic receptor,Endolysin,Alpha-2B adrenergic receptor,Alpha-2B adrenergic receptor'
5 polymer scFv
6 non-polymer 4-[(1~{S})-1-(2,3-dimethylphenyl)ethyl]-1~{H}-imidazole
#
loop_
_entity_poly.entity_id
_entity_poly.type
_entity_poly.pdbx_seq_one_letter_code
_entity_poly.pdbx_strand_id
1 'polypeptide(L)'
;MGCTLSAEDKAAVERSKMIDRNLREDGEKAAREVKLLLLGAGESGKSTIVKQMKIIHEAGYSEEECKQYKAVVYSNTIQS
IIAIIRAMGRLKIDFGDSARADDARQLFVLAGAAEEGFMTAELAGVIKRLWKDSGVQACFNRSREYQLNDSAAYYLNDLD
RIAQPNYIPTQQDVLRTRVKTTGIVETHFTFKDLHFKMFDVGGQRSERKKWIHCFEGVTAIIFCVALSDYDLVLAEDEEM
NRMHESMKLFDSICNNKWFTDTSIILFLNKKDLFEEKIKKSPLTICYPEYAGSNTYEEAAAYIQCQFEDLNKRKDTKEIY
THFTCATDTKNVQFVFDAVTDVIIKNNLKDCGLF
;
A
2 'polypeptide(L)'
;HHHHHHGSSGQSELDQLRQEAEQLKNQIRDARKACADATLSQITNNIDPVGRIQMRTRRTLRGHLAKIYAMHWGTDSRLL
VSASQDGKLIIWDSYTTNKVHAIPLRSSWVMTCAYAPSGNYVACGGLDNICSIYNLKTREGNVRVSRELAGHTGYLSCCR
FLDDNQIVTSSGDTTCALWDIETGQQTTTFTGHTGDVMSLSLAPDTRLFVSGACDASAKLWDVREGMCRQTFTGHESDIN
AICFFPNGNAFATGSDDATCRLFDLRADQELMTYSHDNIICGITSVSFSKSGRLLLAGYDDFNCNVWDALKADRAGVLAG
HDNRVSCLGVTDDGMAVATGSWDSFLKIWN
;
B
3 'polypeptide(L)' MASNNTASIAQARKLVEQLKMEANIDRIKVSKAAADLMAYCEAHAKEDPLLTPVPASENPFREKKFFCAIL G
4 'polypeptide(L)'
;DDDDAHHHHHHMGSLQPDAGNASWNGTEAPGGGARATPENLYFQGNIFEMLRIDEGLRLKIYKDTEGYYTIGIGHLLTKS
PSLNAAKSELDKAIGRNTNGVITKDEAEKLFNQDVDAAVRGILRNAKLKPVYDSLDAVRRAALINMVFQMGETGVAGFTN
SLRMLQQKRWDEAAVNLAKSRWYNQTPNRAKRVITTFRTGTWDAYYSVQATAAIAAAITFLILFTIFGNALVILAVLTSR
SLRAPQNLFLVSLAAADILVATLIIPFSLANELLGYWYFRRTWCEVYLALDVLFCTSSIVHLCAISLDRYWAVSRALEYN
SKRTPRRIKCIILTVWLIAAVISLPPLIYKGDQGPQPRGRPQCKLNQEAWYILASSIGSFFAPCLIMILVYLRIYLIAKR
SNRRGPRAKGGPGQGEQWWRRRAQLTREKRFTFVLAVVIGVFVLCWFPFFFSYSLGAICPKHCKVPHGLFQFFFWIGYCN
SSLNPVIYTIFNQDFRRAFRRILCRPWTQTAW
;
R
5 'polypeptide(L)'
;MLLVNQSHQGFNKEHTSKMVSAIVLYVLLAAAAHSAFADVQLVESGGGLVQPGGSRKLSCSASGFAFSSFGMHWVRQAPE
KGLEWVAYISSGSGTIYYADTVKGRFTISRDDPKNTLFLQMTSLRSEDTAMYYCVRSIYYYGSSPFDFWGQGTTLTVSSG
GGGSGGGGSGGGGSDIVMTQATSSVPVTPGESVSISCRSSKSLLHSNGNTYLYWFLQRPGQSPQLLIYRMSNLASGVPDR
FSGSGSGTAFTLTISRLEAEDVGVYYCMQHLEYPLTFGAGTKLELKGSLEVLFQGPAAAHHHHHHHH
;
H
#
# COMPACT_ATOMS: atom_id res chain seq x y z
N LEU A 5 15.49 -26.24 0.91
CA LEU A 5 14.63 -25.07 1.05
C LEU A 5 13.50 -25.11 0.03
N SER A 6 12.47 -24.30 0.32
CA SER A 6 11.30 -24.07 -0.55
C SER A 6 10.56 -25.37 -0.87
N ALA A 7 10.00 -25.96 0.20
CA ALA A 7 9.15 -27.13 0.08
C ALA A 7 7.88 -26.82 -0.72
N GLU A 8 7.05 -25.93 -0.18
CA GLU A 8 5.90 -25.39 -0.92
C GLU A 8 6.02 -23.88 -1.08
N ASP A 9 7.18 -23.31 -0.77
CA ASP A 9 7.40 -21.89 -1.00
C ASP A 9 7.48 -21.56 -2.49
N LYS A 10 7.80 -22.54 -3.34
CA LYS A 10 7.75 -22.32 -4.78
C LYS A 10 6.34 -22.12 -5.29
N ALA A 11 5.34 -22.62 -4.57
CA ALA A 11 3.94 -22.31 -4.86
C ALA A 11 3.41 -21.14 -4.04
N ALA A 12 4.00 -20.87 -2.88
CA ALA A 12 3.61 -19.73 -2.06
C ALA A 12 4.06 -18.38 -2.65
N VAL A 13 5.27 -18.31 -3.19
CA VAL A 13 5.75 -17.09 -3.83
C VAL A 13 4.99 -16.80 -5.12
N GLU A 14 4.42 -17.84 -5.76
CA GLU A 14 3.53 -17.63 -6.91
C GLU A 14 2.28 -16.86 -6.51
N ARG A 15 1.66 -17.23 -5.39
CA ARG A 15 0.52 -16.45 -4.88
C ARG A 15 0.96 -15.10 -4.35
N SER A 16 2.17 -15.01 -3.77
CA SER A 16 2.72 -13.75 -3.33
C SER A 16 2.98 -12.77 -4.47
N LYS A 17 3.20 -13.29 -5.68
CA LYS A 17 3.50 -12.47 -6.84
C LYS A 17 2.29 -12.19 -7.72
N MET A 18 1.31 -13.10 -7.76
CA MET A 18 0.12 -12.91 -8.60
C MET A 18 -0.73 -11.73 -8.10
N ILE A 19 -1.06 -11.72 -6.82
CA ILE A 19 -1.85 -10.63 -6.26
C ILE A 19 -0.97 -9.51 -5.73
N ASP A 20 0.31 -9.49 -6.12
CA ASP A 20 1.13 -8.29 -6.08
C ASP A 20 1.22 -7.60 -7.43
N ARG A 21 1.25 -8.38 -8.53
CA ARG A 21 1.09 -7.83 -9.86
C ARG A 21 -0.32 -7.29 -10.07
N ASN A 22 -1.31 -7.94 -9.44
CA ASN A 22 -2.69 -7.45 -9.52
C ASN A 22 -2.83 -6.09 -8.84
N LEU A 23 -2.11 -5.87 -7.73
CA LEU A 23 -2.12 -4.56 -7.07
C LEU A 23 -1.55 -3.47 -7.97
N ARG A 24 -0.49 -3.80 -8.72
CA ARG A 24 0.12 -2.83 -9.62
C ARG A 24 -0.80 -2.50 -10.79
N GLU A 25 -1.35 -3.55 -11.43
CA GLU A 25 -2.21 -3.31 -12.60
C GLU A 25 -3.59 -2.78 -12.23
N ASP A 26 -3.97 -2.82 -10.94
CA ASP A 26 -5.18 -2.15 -10.50
C ASP A 26 -4.91 -0.75 -9.94
N GLY A 27 -3.68 -0.50 -9.46
CA GLY A 27 -3.34 0.84 -9.00
C GLY A 27 -2.99 1.78 -10.11
N GLU A 28 -2.45 1.28 -11.22
CA GLU A 28 -2.20 2.14 -12.38
C GLU A 28 -3.49 2.66 -12.98
N LYS A 29 -4.53 1.82 -12.99
CA LYS A 29 -5.82 2.22 -13.55
C LYS A 29 -6.48 3.33 -12.73
N ALA A 30 -6.25 3.35 -11.43
CA ALA A 30 -6.76 4.40 -10.56
C ALA A 30 -5.81 5.60 -10.45
N ALA A 31 -4.53 5.44 -10.79
CA ALA A 31 -3.59 6.54 -10.71
C ALA A 31 -3.49 7.33 -12.01
N ARG A 32 -3.84 6.74 -13.15
CA ARG A 32 -3.78 7.50 -14.40
C ARG A 32 -4.97 8.42 -14.57
N GLU A 33 -6.11 8.07 -13.99
CA GLU A 33 -7.29 8.94 -14.09
C GLU A 33 -7.15 10.13 -13.15
N VAL A 34 -7.81 11.22 -13.55
CA VAL A 34 -7.72 12.50 -12.84
C VAL A 34 -8.91 12.61 -11.89
N LYS A 35 -8.71 13.29 -10.77
CA LYS A 35 -9.71 13.42 -9.72
C LYS A 35 -9.99 14.90 -9.47
N LEU A 36 -11.25 15.24 -9.23
CA LEU A 36 -11.66 16.61 -8.96
C LEU A 36 -12.46 16.64 -7.66
N LEU A 37 -12.01 17.46 -6.71
CA LEU A 37 -12.63 17.55 -5.41
C LEU A 37 -13.66 18.69 -5.39
N LEU A 38 -14.61 18.61 -4.45
CA LEU A 38 -15.72 19.56 -4.43
C LEU A 38 -16.07 19.90 -2.98
N LEU A 39 -15.60 21.07 -2.52
CA LEU A 39 -16.15 21.71 -1.33
C LEU A 39 -17.39 22.50 -1.70
N GLY A 40 -17.86 23.34 -0.77
CA GLY A 40 -18.99 24.21 -1.03
C GLY A 40 -19.44 24.94 0.22
N ALA A 41 -20.76 24.99 0.42
CA ALA A 41 -21.35 25.64 1.59
C ALA A 41 -22.52 24.77 2.03
N GLY A 42 -23.41 25.32 2.85
CA GLY A 42 -24.56 24.55 3.27
C GLY A 42 -25.71 24.66 2.30
N GLU A 43 -25.80 23.69 1.40
CA GLU A 43 -26.84 23.57 0.36
C GLU A 43 -26.93 24.84 -0.49
N SER A 44 -25.77 25.38 -0.86
CA SER A 44 -25.74 26.62 -1.61
C SER A 44 -25.93 26.40 -3.11
N GLY A 45 -24.99 25.68 -3.73
CA GLY A 45 -25.05 25.51 -5.17
C GLY A 45 -24.55 24.17 -5.69
N LYS A 46 -24.33 23.21 -4.80
CA LYS A 46 -23.77 21.92 -5.19
C LYS A 46 -24.81 20.95 -5.74
N SER A 47 -26.03 21.41 -6.01
CA SER A 47 -27.06 20.60 -6.67
C SER A 47 -27.34 21.05 -8.10
N THR A 48 -27.11 22.32 -8.41
CA THR A 48 -27.35 22.82 -9.76
C THR A 48 -26.20 22.46 -10.70
N ILE A 49 -24.96 22.59 -10.24
CA ILE A 49 -23.79 22.32 -11.08
C ILE A 49 -23.56 20.85 -11.35
N VAL A 50 -24.24 19.95 -10.63
CA VAL A 50 -24.13 18.52 -10.87
C VAL A 50 -25.30 17.99 -11.70
N LYS A 51 -26.10 18.87 -12.29
CA LYS A 51 -27.18 18.44 -13.16
C LYS A 51 -26.65 17.84 -14.46
N GLN A 52 -25.59 18.42 -15.01
CA GLN A 52 -24.90 17.83 -16.15
C GLN A 52 -23.99 16.69 -15.73
N MET A 53 -23.42 16.76 -14.53
CA MET A 53 -22.48 15.77 -14.02
C MET A 53 -23.28 14.71 -13.26
N LYS A 54 -23.88 13.77 -14.00
CA LYS A 54 -24.74 12.77 -13.39
C LYS A 54 -24.21 11.35 -13.53
N ILE A 55 -23.95 10.89 -14.75
CA ILE A 55 -23.66 9.48 -15.01
C ILE A 55 -22.79 9.42 -16.26
N ILE A 56 -22.16 8.25 -16.47
CA ILE A 56 -21.37 7.96 -17.66
C ILE A 56 -22.20 8.08 -18.94
N THR A 182 -26.42 9.07 4.27
CA THR A 182 -25.17 8.35 4.13
C THR A 182 -23.98 9.30 4.20
N GLY A 183 -22.78 8.76 3.99
CA GLY A 183 -21.57 9.56 3.98
C GLY A 183 -21.30 10.21 2.64
N ILE A 184 -20.04 10.16 2.19
CA ILE A 184 -19.70 10.75 0.91
C ILE A 184 -20.06 9.78 -0.21
N VAL A 185 -20.51 10.35 -1.34
CA VAL A 185 -20.87 9.57 -2.52
C VAL A 185 -20.15 10.17 -3.73
N GLU A 186 -19.62 9.29 -4.57
CA GLU A 186 -18.85 9.77 -5.72
C GLU A 186 -19.76 10.01 -6.91
N THR A 187 -19.25 10.79 -7.87
CA THR A 187 -19.93 11.06 -9.13
C THR A 187 -18.97 10.77 -10.26
N HIS A 188 -19.23 9.71 -11.01
CA HIS A 188 -18.33 9.23 -12.05
C HIS A 188 -19.00 9.45 -13.40
N PHE A 189 -18.74 10.60 -14.00
CA PHE A 189 -19.23 10.94 -15.33
C PHE A 189 -18.07 10.94 -16.32
N THR A 190 -18.38 11.25 -17.57
CA THR A 190 -17.36 11.30 -18.61
C THR A 190 -17.60 12.50 -19.52
N PHE A 191 -16.52 12.97 -20.15
CA PHE A 191 -16.58 14.08 -21.08
C PHE A 191 -15.34 14.03 -21.96
N LYS A 192 -15.56 14.00 -23.29
CA LYS A 192 -14.52 13.85 -24.31
C LYS A 192 -13.70 12.59 -24.06
N ASP A 193 -14.41 11.48 -23.83
CA ASP A 193 -13.86 10.13 -23.62
C ASP A 193 -12.87 10.09 -22.46
N LEU A 194 -13.23 10.79 -21.37
CA LEU A 194 -12.36 10.90 -20.22
C LEU A 194 -13.22 10.95 -18.96
N HIS A 195 -12.96 10.03 -18.04
CA HIS A 195 -13.79 9.89 -16.85
C HIS A 195 -13.28 10.78 -15.72
N PHE A 196 -14.21 11.50 -15.09
CA PHE A 196 -13.92 12.34 -13.94
C PHE A 196 -14.57 11.73 -12.70
N LYS A 197 -14.03 12.07 -11.54
CA LYS A 197 -14.55 11.59 -10.26
C LYS A 197 -14.74 12.77 -9.33
N MET A 198 -15.99 13.13 -9.05
CA MET A 198 -16.32 14.21 -8.13
C MET A 198 -16.48 13.66 -6.72
N PHE A 199 -15.82 14.31 -5.76
CA PHE A 199 -15.81 13.87 -4.36
C PHE A 199 -16.50 14.93 -3.54
N ASP A 200 -17.73 14.64 -3.09
CA ASP A 200 -18.47 15.60 -2.29
C ASP A 200 -17.92 15.65 -0.86
N VAL A 201 -18.25 16.73 -0.15
CA VAL A 201 -17.74 16.98 1.19
C VAL A 201 -18.90 17.15 2.16
N GLY A 202 -19.91 17.92 1.75
CA GLY A 202 -21.00 18.39 2.60
C GLY A 202 -21.86 17.31 3.23
N GLY A 203 -21.75 16.06 2.79
CA GLY A 203 -22.43 14.97 3.47
C GLY A 203 -21.85 14.62 4.82
N GLN A 204 -20.63 15.06 5.14
CA GLN A 204 -20.00 14.78 6.42
C GLN A 204 -20.45 15.81 7.44
N ARG A 205 -21.20 15.37 8.45
CA ARG A 205 -21.68 16.25 9.51
C ARG A 205 -20.75 16.15 10.71
N SER A 206 -19.52 16.63 10.51
CA SER A 206 -18.50 16.59 11.55
C SER A 206 -17.50 17.71 11.29
N GLU A 207 -16.38 17.68 12.00
CA GLU A 207 -15.33 18.67 11.84
C GLU A 207 -14.46 18.33 10.62
N ARG A 208 -13.65 19.30 10.20
CA ARG A 208 -12.79 19.14 9.04
C ARG A 208 -11.31 18.99 9.39
N LYS A 209 -10.95 19.15 10.67
CA LYS A 209 -9.55 19.19 11.04
C LYS A 209 -8.88 17.81 11.03
N LYS A 210 -9.67 16.73 10.97
CA LYS A 210 -9.12 15.40 11.16
C LYS A 210 -9.28 14.49 9.94
N TRP A 211 -9.86 14.99 8.85
CA TRP A 211 -9.93 14.18 7.63
C TRP A 211 -9.70 14.96 6.34
N ILE A 212 -9.36 16.25 6.41
CA ILE A 212 -9.09 17.00 5.18
C ILE A 212 -7.72 16.62 4.61
N HIS A 213 -6.82 16.06 5.43
CA HIS A 213 -5.53 15.61 4.94
C HIS A 213 -5.66 14.31 4.17
N CYS A 214 -6.74 13.56 4.37
CA CYS A 214 -6.97 12.32 3.64
C CYS A 214 -7.41 12.57 2.20
N PHE A 215 -7.90 13.77 1.89
CA PHE A 215 -8.33 14.15 0.55
C PHE A 215 -7.29 14.95 -0.21
N GLU A 216 -6.01 14.67 0.01
CA GLU A 216 -4.96 15.31 -0.76
C GLU A 216 -4.56 14.44 -1.93
N GLY A 217 -3.68 14.98 -2.77
CA GLY A 217 -3.35 14.37 -4.04
C GLY A 217 -4.34 14.64 -5.14
N VAL A 218 -5.36 15.44 -4.88
CA VAL A 218 -6.36 15.75 -5.90
C VAL A 218 -5.84 16.87 -6.80
N THR A 219 -6.38 16.92 -8.02
CA THR A 219 -5.93 17.87 -9.03
C THR A 219 -6.58 19.25 -8.87
N ALA A 220 -7.91 19.30 -8.74
CA ALA A 220 -8.62 20.56 -8.68
C ALA A 220 -9.68 20.52 -7.60
N ILE A 221 -9.75 21.57 -6.80
CA ILE A 221 -10.73 21.70 -5.73
C ILE A 221 -11.80 22.69 -6.18
N ILE A 222 -13.04 22.23 -6.24
CA ILE A 222 -14.16 23.11 -6.57
C ILE A 222 -14.79 23.61 -5.29
N PHE A 223 -14.95 24.93 -5.18
CA PHE A 223 -15.54 25.56 -3.99
C PHE A 223 -16.73 26.40 -4.45
N CYS A 224 -17.90 25.78 -4.52
CA CYS A 224 -19.08 26.40 -5.11
C CYS A 224 -19.67 27.43 -4.15
N VAL A 225 -19.86 28.66 -4.63
CA VAL A 225 -20.35 29.77 -3.83
C VAL A 225 -21.61 30.33 -4.47
N ALA A 226 -22.63 30.57 -3.66
CA ALA A 226 -23.85 31.23 -4.10
C ALA A 226 -23.71 32.74 -3.91
N LEU A 227 -24.64 33.49 -4.53
CA LEU A 227 -24.59 34.94 -4.47
C LEU A 227 -25.80 35.57 -3.79
N SER A 228 -26.96 34.92 -3.85
CA SER A 228 -28.20 35.47 -3.31
C SER A 228 -28.41 35.17 -1.84
N ASP A 229 -27.38 34.75 -1.10
CA ASP A 229 -27.50 34.44 0.31
C ASP A 229 -26.82 35.50 1.18
N TYR A 230 -26.73 36.74 0.69
CA TYR A 230 -26.12 37.82 1.46
C TYR A 230 -27.07 38.39 2.51
N ASP A 231 -28.38 38.35 2.25
CA ASP A 231 -29.33 38.97 3.17
C ASP A 231 -29.60 38.11 4.39
N LEU A 232 -29.59 36.78 4.23
CA LEU A 232 -29.92 35.88 5.32
C LEU A 232 -28.73 35.75 6.27
N VAL A 233 -29.03 35.58 7.55
CA VAL A 233 -28.02 35.43 8.58
C VAL A 233 -28.05 34.03 9.17
N ASN A 241 -25.04 36.87 7.53
CA ASN A 241 -23.66 36.47 7.80
C ASN A 241 -23.32 35.15 7.09
N ARG A 242 -24.13 34.78 6.11
CA ARG A 242 -23.86 33.55 5.37
C ARG A 242 -22.72 33.72 4.37
N MET A 243 -22.68 34.86 3.69
CA MET A 243 -21.55 35.16 2.80
C MET A 243 -20.28 35.45 3.60
N HIS A 244 -20.42 36.03 4.79
CA HIS A 244 -19.27 36.25 5.65
C HIS A 244 -18.76 34.94 6.27
N GLU A 245 -19.61 33.93 6.38
CA GLU A 245 -19.18 32.62 6.84
C GLU A 245 -18.41 31.89 5.76
N SER A 246 -18.76 32.11 4.49
CA SER A 246 -18.08 31.45 3.39
C SER A 246 -16.70 32.03 3.12
N MET A 247 -16.43 33.24 3.60
CA MET A 247 -15.11 33.85 3.38
C MET A 247 -14.06 33.21 4.28
N LYS A 248 -14.39 32.98 5.54
CA LYS A 248 -13.47 32.29 6.44
C LYS A 248 -13.42 30.79 6.19
N LEU A 249 -14.43 30.24 5.52
CA LEU A 249 -14.34 28.87 5.03
C LEU A 249 -13.43 28.77 3.82
N PHE A 250 -13.45 29.80 2.96
CA PHE A 250 -12.52 29.89 1.85
C PHE A 250 -11.11 30.22 2.34
N ASP A 251 -11.00 30.90 3.47
CA ASP A 251 -9.69 31.25 4.01
C ASP A 251 -8.99 30.02 4.60
N SER A 252 -9.75 29.08 5.16
CA SER A 252 -9.16 27.90 5.79
C SER A 252 -8.68 26.88 4.78
N ILE A 253 -9.08 26.98 3.52
CA ILE A 253 -8.71 25.97 2.53
C ILE A 253 -7.57 26.51 1.66
N CYS A 254 -7.47 27.84 1.52
CA CYS A 254 -6.39 28.42 0.74
C CYS A 254 -5.10 28.56 1.53
N ASN A 255 -5.16 28.43 2.86
CA ASN A 255 -3.97 28.51 3.70
C ASN A 255 -3.75 27.19 4.45
N ASN A 256 -4.28 26.09 3.92
CA ASN A 256 -4.11 24.79 4.57
C ASN A 256 -2.71 24.26 4.32
N LYS A 257 -2.16 23.57 5.32
CA LYS A 257 -0.80 23.06 5.22
C LYS A 257 -0.68 21.84 4.32
N TRP A 258 -1.80 21.19 3.97
CA TRP A 258 -1.76 20.05 3.08
C TRP A 258 -2.13 20.40 1.64
N PHE A 259 -2.83 21.51 1.44
CA PHE A 259 -3.29 21.94 0.12
C PHE A 259 -2.46 23.10 -0.43
N THR A 260 -1.15 23.10 -0.18
CA THR A 260 -0.25 24.16 -0.63
C THR A 260 0.18 24.00 -2.09
N ASP A 261 -0.33 22.98 -2.79
CA ASP A 261 -0.01 22.78 -4.20
C ASP A 261 -1.23 22.67 -5.11
N THR A 262 -2.36 22.16 -4.62
CA THR A 262 -3.55 21.99 -5.44
C THR A 262 -4.23 23.33 -5.66
N SER A 263 -4.45 23.70 -6.92
CA SER A 263 -5.12 24.94 -7.26
C SER A 263 -6.62 24.79 -7.03
N ILE A 264 -7.24 25.89 -6.59
CA ILE A 264 -8.64 25.89 -6.20
C ILE A 264 -9.46 26.70 -7.20
N ILE A 265 -10.68 26.26 -7.45
CA ILE A 265 -11.61 26.89 -8.39
C ILE A 265 -12.90 27.18 -7.64
N LEU A 266 -13.41 28.41 -7.79
CA LEU A 266 -14.66 28.78 -7.14
C LEU A 266 -15.71 29.14 -8.19
N PHE A 267 -16.92 28.66 -8.00
CA PHE A 267 -18.05 29.05 -8.82
C PHE A 267 -18.81 30.21 -8.17
N LEU A 268 -19.60 30.90 -8.98
CA LEU A 268 -20.50 31.94 -8.50
C LEU A 268 -21.86 31.71 -9.14
N ASN A 269 -22.76 31.04 -8.42
CA ASN A 269 -24.05 30.64 -8.97
C ASN A 269 -25.06 31.77 -8.85
N LYS A 270 -26.26 31.51 -9.40
CA LYS A 270 -27.40 32.44 -9.44
C LYS A 270 -27.02 33.75 -10.13
N LYS A 271 -26.61 33.63 -11.40
CA LYS A 271 -26.18 34.80 -12.16
C LYS A 271 -27.37 35.67 -12.56
N ASP A 272 -28.47 35.05 -12.97
CA ASP A 272 -29.65 35.82 -13.33
C ASP A 272 -30.43 36.25 -12.08
N LEU A 273 -30.32 35.48 -11.00
CA LEU A 273 -31.05 35.80 -9.77
C LEU A 273 -30.39 36.90 -8.96
N PHE A 274 -29.11 37.18 -9.19
CA PHE A 274 -28.41 38.26 -8.48
C PHE A 274 -28.62 39.61 -9.15
N GLU A 275 -29.02 39.62 -10.42
CA GLU A 275 -29.22 40.87 -11.15
C GLU A 275 -30.37 41.69 -10.61
N GLU A 276 -31.41 41.04 -10.09
CA GLU A 276 -32.55 41.73 -9.51
C GLU A 276 -32.38 42.01 -8.02
N LYS A 277 -31.26 41.59 -7.42
CA LYS A 277 -31.07 41.77 -5.98
C LYS A 277 -30.66 43.19 -5.64
N ILE A 278 -29.99 43.88 -6.56
CA ILE A 278 -29.34 45.15 -6.24
C ILE A 278 -30.36 46.29 -6.11
N LYS A 279 -31.45 46.25 -6.89
CA LYS A 279 -32.39 47.36 -6.91
C LYS A 279 -33.22 47.46 -5.63
N LYS A 280 -33.37 46.36 -4.89
CA LYS A 280 -34.06 46.43 -3.61
C LYS A 280 -33.08 46.76 -2.48
N SER A 281 -32.05 45.94 -2.30
CA SER A 281 -31.05 46.15 -1.27
C SER A 281 -29.67 46.01 -1.89
N PRO A 282 -28.80 47.04 -1.78
CA PRO A 282 -27.47 46.95 -2.37
C PRO A 282 -26.52 46.01 -1.62
N LEU A 283 -25.29 45.89 -2.12
CA LEU A 283 -24.27 45.08 -1.47
C LEU A 283 -23.68 45.77 -0.25
N THR A 284 -23.93 47.07 -0.06
CA THR A 284 -23.32 47.86 1.00
C THR A 284 -24.14 47.85 2.29
N ILE A 285 -24.84 46.76 2.58
CA ILE A 285 -25.62 46.66 3.82
C ILE A 285 -24.69 46.63 5.03
N CYS A 286 -23.69 45.75 5.00
CA CYS A 286 -22.77 45.59 6.13
C CYS A 286 -21.34 45.84 5.70
N TYR A 287 -21.13 46.76 4.76
CA TYR A 287 -19.79 47.17 4.34
C TYR A 287 -19.64 48.69 4.47
N PRO A 288 -19.29 49.19 5.66
CA PRO A 288 -18.92 50.60 5.77
C PRO A 288 -17.53 50.92 5.24
N GLU A 289 -16.69 49.91 5.04
CA GLU A 289 -15.31 50.10 4.60
C GLU A 289 -15.15 50.11 3.09
N TYR A 290 -16.25 50.09 2.33
CA TYR A 290 -16.17 50.10 0.88
C TYR A 290 -17.35 50.86 0.30
N ALA A 291 -17.08 51.66 -0.72
CA ALA A 291 -18.10 52.41 -1.43
C ALA A 291 -18.06 52.05 -2.92
N GLY A 292 -19.22 52.08 -3.55
CA GLY A 292 -19.30 51.74 -4.96
C GLY A 292 -20.66 52.08 -5.51
N SER A 293 -20.83 51.80 -6.81
CA SER A 293 -22.07 52.08 -7.49
C SER A 293 -23.08 50.95 -7.26
N ASN A 294 -24.25 51.08 -7.89
CA ASN A 294 -25.31 50.09 -7.78
C ASN A 294 -25.52 49.34 -9.09
N THR A 295 -24.48 49.26 -9.92
CA THR A 295 -24.56 48.55 -11.19
C THR A 295 -24.26 47.07 -11.00
N TYR A 296 -24.70 46.27 -11.97
CA TYR A 296 -24.46 44.83 -11.90
C TYR A 296 -23.00 44.49 -12.19
N GLU A 297 -22.33 45.31 -13.00
CA GLU A 297 -20.92 45.06 -13.31
C GLU A 297 -20.03 45.34 -12.12
N GLU A 298 -20.44 46.26 -11.23
CA GLU A 298 -19.65 46.55 -10.05
C GLU A 298 -19.91 45.54 -8.94
N ALA A 299 -21.15 45.03 -8.85
CA ALA A 299 -21.49 44.11 -7.77
C ALA A 299 -20.93 42.72 -8.02
N ALA A 300 -20.89 42.29 -9.28
CA ALA A 300 -20.36 40.96 -9.59
C ALA A 300 -18.84 40.94 -9.55
N ALA A 301 -18.20 42.09 -9.78
CA ALA A 301 -16.74 42.13 -9.83
C ALA A 301 -16.14 42.27 -8.43
N TYR A 302 -16.85 42.89 -7.50
CA TYR A 302 -16.29 43.09 -6.16
C TYR A 302 -16.32 41.81 -5.35
N ILE A 303 -17.30 40.94 -5.60
CA ILE A 303 -17.33 39.62 -4.95
C ILE A 303 -16.19 38.76 -5.49
N GLN A 304 -15.90 38.88 -6.78
CA GLN A 304 -14.75 38.21 -7.36
C GLN A 304 -13.43 38.82 -6.86
N CYS A 305 -13.42 40.11 -6.57
CA CYS A 305 -12.21 40.76 -6.08
C CYS A 305 -11.96 40.48 -4.61
N GLN A 306 -13.03 40.29 -3.82
CA GLN A 306 -12.85 40.09 -2.38
C GLN A 306 -12.44 38.65 -2.07
N PHE A 307 -12.92 37.68 -2.86
CA PHE A 307 -12.53 36.29 -2.65
C PHE A 307 -11.08 36.05 -3.06
N GLU A 308 -10.64 36.67 -4.15
CA GLU A 308 -9.31 36.42 -4.69
C GLU A 308 -8.21 37.00 -3.82
N ASP A 309 -8.50 38.03 -3.03
CA ASP A 309 -7.50 38.67 -2.19
C ASP A 309 -7.47 38.08 -0.77
N LEU A 310 -7.82 36.80 -0.63
CA LEU A 310 -7.82 36.16 0.68
C LEU A 310 -6.64 35.22 0.91
N ASN A 311 -6.05 34.68 -0.15
CA ASN A 311 -4.94 33.73 0.00
C ASN A 311 -3.66 34.47 0.37
N LYS A 312 -2.92 33.91 1.34
CA LYS A 312 -1.63 34.49 1.69
C LYS A 312 -0.54 34.03 0.74
N ARG A 313 -0.67 32.84 0.16
CA ARG A 313 0.29 32.33 -0.81
C ARG A 313 -0.26 32.53 -2.22
N LYS A 314 0.52 33.18 -3.07
CA LYS A 314 0.11 33.48 -4.43
C LYS A 314 1.02 32.89 -5.50
N ASP A 315 2.14 32.26 -5.11
CA ASP A 315 3.11 31.79 -6.09
C ASP A 315 2.68 30.46 -6.73
N THR A 316 2.26 29.50 -5.89
CA THR A 316 2.01 28.14 -6.39
C THR A 316 0.69 28.03 -7.12
N LYS A 317 -0.41 28.29 -6.42
CA LYS A 317 -1.74 28.07 -6.95
C LYS A 317 -2.35 29.37 -7.47
N GLU A 318 -3.34 29.22 -8.36
CA GLU A 318 -4.03 30.36 -8.96
C GLU A 318 -5.52 30.09 -8.92
N ILE A 319 -6.26 31.02 -8.30
CA ILE A 319 -7.70 30.85 -8.12
C ILE A 319 -8.41 31.16 -9.43
N TYR A 320 -9.28 30.25 -9.86
CA TYR A 320 -10.08 30.42 -11.06
C TYR A 320 -11.51 30.77 -10.68
N THR A 321 -12.16 31.56 -11.53
CA THR A 321 -13.50 32.03 -11.27
C THR A 321 -14.29 32.06 -12.58
N HIS A 322 -15.48 31.46 -12.56
CA HIS A 322 -16.34 31.45 -13.75
C HIS A 322 -17.79 31.61 -13.32
N PHE A 323 -18.46 32.62 -13.88
CA PHE A 323 -19.90 32.77 -13.68
C PHE A 323 -20.66 31.69 -14.43
N THR A 324 -21.62 31.06 -13.76
CA THR A 324 -22.35 29.96 -14.35
C THR A 324 -23.36 30.47 -15.38
N CYS A 325 -23.99 29.53 -16.09
CA CYS A 325 -24.98 29.87 -17.10
C CYS A 325 -26.06 28.80 -17.09
N ALA A 326 -27.07 28.98 -17.95
CA ALA A 326 -28.16 28.04 -18.09
C ALA A 326 -27.94 27.05 -19.22
N THR A 327 -26.78 27.07 -19.87
CA THR A 327 -26.48 26.18 -20.97
C THR A 327 -25.86 24.89 -20.43
N ASP A 328 -25.48 23.99 -21.33
CA ASP A 328 -24.90 22.70 -20.96
C ASP A 328 -23.43 22.56 -21.34
N THR A 329 -23.02 23.12 -22.48
CA THR A 329 -21.64 22.97 -22.93
C THR A 329 -20.71 23.93 -22.19
N LYS A 330 -21.04 25.22 -22.21
CA LYS A 330 -20.16 26.25 -21.64
C LYS A 330 -20.14 26.27 -20.11
N ASN A 331 -20.99 25.49 -19.45
CA ASN A 331 -20.98 25.46 -17.99
C ASN A 331 -19.79 24.66 -17.47
N VAL A 332 -19.39 23.60 -18.18
CA VAL A 332 -18.31 22.73 -17.73
C VAL A 332 -17.04 22.87 -18.55
N GLN A 333 -17.13 23.42 -19.78
CA GLN A 333 -16.03 23.38 -20.74
C GLN A 333 -14.82 24.16 -20.25
N PHE A 334 -15.06 25.37 -19.70
CA PHE A 334 -14.02 26.16 -19.06
C PHE A 334 -13.35 25.38 -17.94
N VAL A 335 -14.17 24.67 -17.13
CA VAL A 335 -13.65 23.79 -16.09
C VAL A 335 -12.74 22.73 -16.70
N PHE A 336 -13.18 22.15 -17.82
CA PHE A 336 -12.37 21.29 -18.66
C PHE A 336 -11.03 21.93 -18.97
N ASP A 337 -11.08 23.14 -19.54
CA ASP A 337 -9.88 23.90 -19.89
C ASP A 337 -9.07 24.21 -18.65
N ALA A 338 -9.76 24.48 -17.52
CA ALA A 338 -9.08 24.78 -16.26
C ALA A 338 -8.21 23.62 -15.82
N VAL A 339 -8.76 22.38 -15.91
CA VAL A 339 -8.01 21.20 -15.50
C VAL A 339 -6.81 21.02 -16.41
N THR A 340 -7.01 21.35 -17.71
CA THR A 340 -5.94 21.33 -18.71
C THR A 340 -4.77 22.18 -18.26
N ASP A 341 -5.06 23.41 -17.84
CA ASP A 341 -4.01 24.35 -17.45
C ASP A 341 -3.25 23.83 -16.25
N VAL A 342 -3.96 23.18 -15.31
CA VAL A 342 -3.34 22.66 -14.10
C VAL A 342 -2.32 21.59 -14.45
N ILE A 343 -2.70 20.70 -15.37
CA ILE A 343 -1.78 19.63 -15.73
C ILE A 343 -0.63 20.19 -16.55
N ILE A 344 -0.88 21.26 -17.31
CA ILE A 344 0.22 21.93 -18.01
C ILE A 344 1.16 22.55 -17.00
N LYS A 345 0.61 23.19 -15.96
CA LYS A 345 1.44 23.71 -14.89
C LYS A 345 2.11 22.57 -14.13
N ASN A 346 1.41 21.43 -14.00
CA ASN A 346 2.01 20.27 -13.36
C ASN A 346 3.15 19.73 -14.20
N ASN A 347 3.02 19.81 -15.53
CA ASN A 347 4.15 19.44 -16.39
C ASN A 347 5.27 20.44 -16.27
N LEU A 348 4.95 21.72 -16.08
CA LEU A 348 5.97 22.70 -15.76
C LEU A 348 6.49 22.53 -14.34
N LYS A 349 5.75 21.81 -13.49
CA LYS A 349 6.30 21.39 -12.22
C LYS A 349 7.24 20.21 -12.40
N ASP A 350 7.05 19.41 -13.45
CA ASP A 350 7.86 18.23 -13.67
C ASP A 350 9.15 18.53 -14.42
N CYS A 351 9.09 19.35 -15.47
CA CYS A 351 10.28 19.66 -16.27
C CYS A 351 11.15 20.73 -15.64
N GLY A 352 10.66 21.42 -14.61
CA GLY A 352 11.40 22.51 -14.01
C GLY A 352 11.28 23.84 -14.73
N LEU A 353 10.23 24.03 -15.52
CA LEU A 353 10.04 25.23 -16.33
C LEU A 353 9.12 26.23 -15.65
N PHE A 354 9.01 26.17 -14.32
CA PHE A 354 8.08 27.01 -13.59
C PHE A 354 8.79 27.73 -12.43
N GLN B 11 -36.49 31.69 42.06
CA GLN B 11 -36.97 31.56 40.69
C GLN B 11 -35.79 31.39 39.73
N SER B 12 -36.10 30.84 38.55
CA SER B 12 -35.14 30.58 37.46
C SER B 12 -33.97 29.71 37.94
N GLU B 13 -34.33 28.48 38.30
CA GLU B 13 -33.38 27.54 38.89
C GLU B 13 -32.50 26.83 37.87
N LEU B 14 -32.57 27.21 36.59
CA LEU B 14 -31.69 26.60 35.59
C LEU B 14 -30.25 27.06 35.78
N ASP B 15 -30.06 28.32 36.19
CA ASP B 15 -28.72 28.77 36.56
C ASP B 15 -28.21 28.07 37.80
N GLN B 16 -29.10 27.73 38.74
CA GLN B 16 -28.70 26.94 39.89
C GLN B 16 -28.34 25.51 39.50
N LEU B 17 -29.04 24.94 38.50
CA LEU B 17 -28.67 23.63 38.00
C LEU B 17 -27.34 23.66 37.26
N ARG B 18 -27.02 24.79 36.60
CA ARG B 18 -25.71 24.93 36.00
C ARG B 18 -24.61 25.10 37.05
N GLN B 19 -24.92 25.78 38.15
CA GLN B 19 -23.94 25.93 39.22
C GLN B 19 -23.77 24.66 40.04
N GLU B 20 -24.77 23.75 40.00
CA GLU B 20 -24.62 22.45 40.66
C GLU B 20 -23.52 21.61 40.02
N ALA B 21 -23.23 21.82 38.74
CA ALA B 21 -22.13 21.12 38.08
C ALA B 21 -20.79 21.51 38.68
N GLU B 22 -20.54 22.81 38.83
CA GLU B 22 -19.31 23.27 39.46
C GLU B 22 -19.27 22.94 40.95
N GLN B 23 -20.44 22.93 41.61
CA GLN B 23 -20.50 22.56 43.03
C GLN B 23 -20.12 21.11 43.25
N LEU B 24 -20.72 20.20 42.47
CA LEU B 24 -20.38 18.79 42.58
C LEU B 24 -18.97 18.51 42.09
N LYS B 25 -18.47 19.31 41.15
CA LYS B 25 -17.06 19.23 40.75
C LYS B 25 -16.14 19.54 41.92
N ASN B 26 -16.34 20.71 42.56
CA ASN B 26 -15.51 21.11 43.68
C ASN B 26 -15.70 20.22 44.91
N GLN B 27 -16.82 19.51 45.02
CA GLN B 27 -17.01 18.62 46.17
C GLN B 27 -16.53 17.19 45.92
N ILE B 28 -16.47 16.74 44.67
CA ILE B 28 -16.14 15.36 44.35
C ILE B 28 -14.81 15.24 43.61
N ARG B 29 -14.67 15.94 42.48
CA ARG B 29 -13.46 15.82 41.68
C ARG B 29 -12.29 16.53 42.35
N ASP B 30 -12.55 17.59 43.09
CA ASP B 30 -11.52 18.26 43.89
C ASP B 30 -11.48 17.72 45.32
N ALA B 31 -11.41 16.39 45.43
CA ALA B 31 -11.21 15.71 46.69
C ALA B 31 -9.96 14.85 46.64
N ARG B 32 -8.96 15.33 45.91
CA ARG B 32 -7.72 14.60 45.64
C ARG B 32 -6.53 15.35 46.23
N LYS B 33 -6.73 16.00 47.37
CA LYS B 33 -5.70 16.78 48.03
C LYS B 33 -5.07 16.06 49.21
N ALA B 34 -5.84 15.29 49.97
CA ALA B 34 -5.33 14.52 51.09
C ALA B 34 -5.07 13.07 50.75
N CYS B 35 -5.35 12.66 49.51
CA CYS B 35 -5.14 11.29 49.06
C CYS B 35 -4.09 11.18 47.97
N ALA B 36 -4.12 12.07 46.97
CA ALA B 36 -3.15 12.04 45.87
C ALA B 36 -1.90 12.80 46.31
N ASP B 37 -1.09 12.13 47.13
CA ASP B 37 0.13 12.71 47.66
C ASP B 37 1.40 12.05 47.13
N ALA B 38 1.33 10.76 46.81
CA ALA B 38 2.51 10.02 46.36
C ALA B 38 2.81 10.35 44.90
N THR B 39 3.90 11.06 44.66
CA THR B 39 4.35 11.37 43.32
C THR B 39 5.32 10.28 42.83
N LEU B 40 5.63 10.33 41.54
CA LEU B 40 6.50 9.34 40.92
C LEU B 40 7.94 9.81 40.81
N SER B 41 8.40 10.61 41.76
CA SER B 41 9.81 10.95 41.90
C SER B 41 10.44 10.32 43.13
N GLN B 42 9.67 10.18 44.21
CA GLN B 42 10.17 9.48 45.38
C GLN B 42 10.23 7.97 45.15
N ILE B 43 9.30 7.46 44.36
CA ILE B 43 9.24 6.02 44.08
C ILE B 43 10.24 5.62 43.00
N THR B 44 10.36 6.41 41.94
CA THR B 44 11.19 6.07 40.80
C THR B 44 12.62 6.57 40.93
N ASN B 45 13.13 6.74 42.15
CA ASN B 45 14.51 7.17 42.33
C ASN B 45 15.48 6.00 42.31
N ASN B 46 15.07 4.85 42.85
CA ASN B 46 15.92 3.67 42.95
C ASN B 46 15.51 2.60 41.95
N ILE B 47 15.12 3.01 40.75
CA ILE B 47 14.77 2.09 39.68
C ILE B 47 15.98 1.94 38.76
N ASP B 48 15.97 0.87 37.98
CA ASP B 48 17.06 0.64 37.04
C ASP B 48 16.59 0.88 35.61
N PRO B 49 17.42 1.51 34.78
CA PRO B 49 17.01 1.76 33.39
C PRO B 49 17.07 0.51 32.53
N VAL B 50 16.69 0.64 31.26
CA VAL B 50 16.68 -0.48 30.33
C VAL B 50 17.84 -0.43 29.35
N GLY B 51 18.54 0.69 29.25
CA GLY B 51 19.68 0.82 28.36
C GLY B 51 19.31 1.39 27.01
N ARG B 52 20.33 1.78 26.26
CA ARG B 52 20.16 2.31 24.91
C ARG B 52 19.76 1.18 23.97
N ILE B 53 18.51 1.22 23.50
CA ILE B 53 17.95 0.13 22.70
C ILE B 53 18.41 0.32 21.26
N GLN B 54 19.32 -0.55 20.81
CA GLN B 54 19.76 -0.57 19.42
C GLN B 54 18.93 -1.61 18.67
N MET B 55 18.03 -1.15 17.81
CA MET B 55 17.12 -2.04 17.09
C MET B 55 16.96 -1.55 15.66
N ARG B 56 16.87 -2.49 14.72
CA ARG B 56 16.88 -2.18 13.30
C ARG B 56 15.71 -2.88 12.61
N THR B 57 15.43 -2.44 11.39
CA THR B 57 14.35 -3.02 10.58
C THR B 57 14.78 -4.38 10.06
N ARG B 58 13.96 -5.40 10.31
CA ARG B 58 14.22 -6.71 9.72
C ARG B 58 13.42 -6.94 8.45
N ARG B 59 12.25 -6.32 8.32
CA ARG B 59 11.39 -6.47 7.16
C ARG B 59 11.02 -5.09 6.62
N THR B 60 10.64 -5.06 5.34
CA THR B 60 10.14 -3.84 4.70
C THR B 60 9.09 -4.27 3.69
N LEU B 61 7.82 -4.10 4.06
CA LEU B 61 6.71 -4.62 3.27
C LEU B 61 6.32 -3.59 2.21
N ARG B 62 6.93 -3.73 1.04
CA ARG B 62 6.72 -2.78 -0.07
C ARG B 62 5.67 -3.36 -1.01
N GLY B 63 4.41 -3.26 -0.59
CA GLY B 63 3.32 -3.76 -1.41
C GLY B 63 2.25 -2.73 -1.72
N HIS B 64 2.12 -1.72 -0.86
CA HIS B 64 1.07 -0.72 -1.01
C HIS B 64 1.50 0.40 -1.93
N LEU B 65 0.52 1.25 -2.28
CA LEU B 65 0.74 2.39 -3.17
C LEU B 65 0.11 3.66 -2.62
N ALA B 66 -0.29 3.67 -1.36
CA ALA B 66 -1.02 4.80 -0.78
C ALA B 66 -0.68 4.89 0.70
N LYS B 67 -1.49 5.64 1.44
CA LYS B 67 -1.23 5.87 2.85
C LYS B 67 -1.67 4.67 3.69
N ILE B 68 -1.00 4.49 4.82
CA ILE B 68 -1.28 3.41 5.76
C ILE B 68 -1.44 4.02 7.15
N TYR B 69 -2.66 4.03 7.67
CA TYR B 69 -2.90 4.39 9.07
C TYR B 69 -3.95 3.46 9.68
N ALA B 70 -3.83 2.17 9.38
CA ALA B 70 -4.72 1.16 9.92
C ALA B 70 -3.98 -0.17 9.97
N MET B 71 -3.88 -0.75 11.16
CA MET B 71 -3.14 -1.99 11.35
C MET B 71 -3.60 -2.70 12.61
N HIS B 72 -3.71 -4.02 12.54
CA HIS B 72 -3.98 -4.85 13.70
C HIS B 72 -3.33 -6.21 13.49
N TRP B 73 -2.84 -6.81 14.57
CA TRP B 73 -2.12 -8.07 14.50
C TRP B 73 -3.08 -9.25 14.32
N GLY B 74 -2.50 -10.44 14.22
CA GLY B 74 -3.27 -11.66 14.14
C GLY B 74 -3.59 -12.22 15.51
N THR B 75 -3.58 -13.55 15.63
CA THR B 75 -3.81 -14.23 16.88
C THR B 75 -2.55 -14.89 17.43
N ASP B 76 -1.83 -15.63 16.58
CA ASP B 76 -0.57 -16.26 16.96
C ASP B 76 0.65 -15.42 16.62
N SER B 77 0.47 -14.08 16.60
CA SER B 77 1.54 -13.10 16.34
C SER B 77 2.20 -13.32 14.98
N ARG B 78 1.37 -13.63 13.98
CA ARG B 78 1.90 -14.01 12.67
C ARG B 78 1.40 -13.10 11.55
N LEU B 79 0.10 -12.84 11.50
CA LEU B 79 -0.52 -12.18 10.36
C LEU B 79 -0.77 -10.71 10.64
N LEU B 80 -0.50 -9.87 9.64
CA LEU B 80 -0.80 -8.45 9.70
C LEU B 80 -2.02 -8.14 8.83
N VAL B 81 -2.76 -7.11 9.22
CA VAL B 81 -3.85 -6.57 8.41
C VAL B 81 -3.50 -5.12 8.12
N SER B 82 -3.43 -4.76 6.84
CA SER B 82 -3.10 -3.39 6.46
C SER B 82 -4.12 -2.87 5.47
N ALA B 83 -4.26 -1.55 5.44
CA ALA B 83 -5.24 -0.88 4.59
C ALA B 83 -4.57 0.26 3.85
N SER B 84 -4.95 0.45 2.58
CA SER B 84 -4.45 1.57 1.79
C SER B 84 -5.62 2.50 1.44
N GLN B 85 -5.28 3.60 0.77
CA GLN B 85 -6.27 4.56 0.31
C GLN B 85 -6.75 4.29 -1.11
N ASP B 86 -6.41 3.14 -1.67
CA ASP B 86 -6.96 2.68 -2.93
C ASP B 86 -8.15 1.75 -2.72
N GLY B 87 -8.66 1.64 -1.49
CA GLY B 87 -9.68 0.67 -1.18
C GLY B 87 -9.15 -0.75 -1.20
N LYS B 88 -8.01 -0.99 -0.56
CA LYS B 88 -7.33 -2.28 -0.64
C LYS B 88 -6.88 -2.71 0.74
N LEU B 89 -7.33 -3.89 1.16
CA LEU B 89 -6.82 -4.55 2.36
C LEU B 89 -5.82 -5.62 1.96
N ILE B 90 -4.74 -5.72 2.73
CA ILE B 90 -3.70 -6.71 2.49
C ILE B 90 -3.47 -7.50 3.77
N ILE B 91 -3.54 -8.83 3.66
CA ILE B 91 -3.22 -9.72 4.78
C ILE B 91 -1.76 -10.11 4.61
N TRP B 92 -0.89 -9.45 5.37
CA TRP B 92 0.54 -9.69 5.30
C TRP B 92 0.95 -10.86 6.19
N ASP B 93 2.07 -11.48 5.83
CA ASP B 93 2.79 -12.41 6.69
C ASP B 93 4.05 -11.71 7.20
N SER B 94 4.48 -12.08 8.40
CA SER B 94 5.56 -11.36 9.08
C SER B 94 6.88 -12.12 9.08
N TYR B 95 6.94 -13.30 8.46
CA TYR B 95 8.18 -14.09 8.43
C TYR B 95 8.85 -14.04 7.05
N THR B 96 8.10 -14.39 6.01
CA THR B 96 8.67 -14.52 4.67
C THR B 96 8.29 -13.37 3.74
N THR B 97 7.88 -12.22 4.30
CA THR B 97 7.38 -11.04 3.57
C THR B 97 6.26 -11.41 2.59
N ASN B 98 5.38 -12.30 3.01
CA ASN B 98 4.35 -12.84 2.15
C ASN B 98 3.05 -12.06 2.33
N LYS B 99 2.32 -11.92 1.22
CA LYS B 99 0.97 -11.37 1.25
C LYS B 99 0.01 -12.45 0.77
N VAL B 100 -1.09 -12.62 1.49
CA VAL B 100 -1.97 -13.76 1.34
C VAL B 100 -3.30 -13.40 0.69
N HIS B 101 -4.03 -12.46 1.29
CA HIS B 101 -5.32 -12.02 0.75
C HIS B 101 -5.23 -10.55 0.38
N ALA B 102 -5.50 -10.27 -0.90
CA ALA B 102 -5.74 -8.90 -1.35
C ALA B 102 -7.24 -8.69 -1.51
N ILE B 103 -7.77 -7.70 -0.80
CA ILE B 103 -9.21 -7.47 -0.73
C ILE B 103 -9.55 -6.12 -1.35
N PRO B 104 -10.23 -6.10 -2.49
CA PRO B 104 -10.77 -4.84 -3.00
C PRO B 104 -12.00 -4.42 -2.21
N LEU B 105 -12.20 -3.11 -2.12
CA LEU B 105 -13.25 -2.55 -1.29
C LEU B 105 -14.21 -1.73 -2.13
N ARG B 106 -15.44 -1.59 -1.62
CA ARG B 106 -16.43 -0.74 -2.29
C ARG B 106 -16.08 0.74 -2.13
N SER B 107 -15.60 1.13 -0.95
CA SER B 107 -15.16 2.49 -0.73
C SER B 107 -13.70 2.65 -1.13
N SER B 108 -13.12 3.81 -0.83
CA SER B 108 -11.71 4.05 -1.13
C SER B 108 -10.92 4.66 0.02
N TRP B 109 -11.55 5.32 0.99
CA TRP B 109 -10.84 5.99 2.08
C TRP B 109 -11.13 5.21 3.36
N VAL B 110 -10.11 4.51 3.86
CA VAL B 110 -10.24 3.63 5.02
C VAL B 110 -9.60 4.32 6.22
N MET B 111 -10.33 4.40 7.32
CA MET B 111 -9.83 5.02 8.54
C MET B 111 -9.23 4.00 9.51
N THR B 112 -9.82 2.81 9.62
CA THR B 112 -9.36 1.83 10.59
C THR B 112 -9.61 0.43 10.05
N CYS B 113 -8.99 -0.55 10.71
CA CYS B 113 -9.22 -1.96 10.42
C CYS B 113 -8.99 -2.76 11.70
N ALA B 114 -9.47 -4.00 11.70
CA ALA B 114 -9.34 -4.87 12.86
C ALA B 114 -9.33 -6.32 12.41
N TYR B 115 -8.78 -7.17 13.26
CA TYR B 115 -8.71 -8.60 13.02
C TYR B 115 -9.32 -9.33 14.21
N ALA B 116 -9.87 -10.52 13.96
CA ALA B 116 -10.60 -11.25 14.98
C ALA B 116 -9.65 -11.85 16.01
N PRO B 117 -10.09 -11.97 17.27
CA PRO B 117 -9.27 -12.65 18.28
C PRO B 117 -9.21 -14.16 18.11
N SER B 118 -10.04 -14.74 17.25
CA SER B 118 -9.99 -16.16 16.91
C SER B 118 -9.20 -16.42 15.64
N GLY B 119 -9.35 -15.57 14.62
CA GLY B 119 -8.60 -15.68 13.39
C GLY B 119 -9.45 -15.81 12.14
N ASN B 120 -10.75 -15.55 12.19
CA ASN B 120 -11.62 -15.81 11.06
C ASN B 120 -11.98 -14.54 10.28
N TYR B 121 -12.53 -13.54 10.96
CA TYR B 121 -13.14 -12.39 10.30
C TYR B 121 -12.22 -11.16 10.36
N VAL B 122 -12.43 -10.24 9.43
CA VAL B 122 -11.82 -8.92 9.46
C VAL B 122 -12.92 -7.88 9.34
N ALA B 123 -12.56 -6.62 9.60
CA ALA B 123 -13.49 -5.51 9.45
C ALA B 123 -12.72 -4.27 9.03
N CYS B 124 -13.39 -3.41 8.26
CA CYS B 124 -12.80 -2.14 7.86
C CYS B 124 -13.90 -1.13 7.63
N GLY B 125 -13.56 0.14 7.80
CA GLY B 125 -14.54 1.20 7.61
C GLY B 125 -13.85 2.51 7.28
N GLY B 126 -14.68 3.47 6.90
CA GLY B 126 -14.15 4.78 6.54
C GLY B 126 -15.18 5.88 6.51
N LEU B 127 -15.08 6.75 5.49
CA LEU B 127 -15.93 7.93 5.42
C LEU B 127 -17.33 7.63 4.92
N ASP B 128 -17.60 6.41 4.47
CA ASP B 128 -18.92 6.05 3.95
C ASP B 128 -19.89 5.59 5.03
N ASN B 129 -19.50 5.68 6.31
CA ASN B 129 -20.29 5.28 7.48
C ASN B 129 -20.71 3.81 7.43
N ILE B 130 -19.92 2.95 6.80
CA ILE B 130 -20.23 1.53 6.69
C ILE B 130 -19.04 0.75 7.22
N CYS B 131 -19.25 0.03 8.32
CA CYS B 131 -18.28 -0.91 8.84
C CYS B 131 -18.53 -2.25 8.16
N SER B 132 -17.68 -2.60 7.21
CA SER B 132 -17.83 -3.83 6.45
C SER B 132 -17.01 -4.93 7.13
N ILE B 133 -17.69 -6.01 7.51
CA ILE B 133 -17.05 -7.19 8.08
C ILE B 133 -16.95 -8.23 6.97
N TYR B 134 -15.74 -8.73 6.75
CA TYR B 134 -15.42 -9.70 5.71
C TYR B 134 -14.95 -11.01 6.34
N ASN B 135 -15.06 -12.08 5.55
CA ASN B 135 -14.62 -13.40 5.94
C ASN B 135 -13.34 -13.76 5.19
N LEU B 136 -12.53 -14.63 5.79
CA LEU B 136 -11.30 -15.09 5.15
C LEU B 136 -11.30 -16.61 5.00
N LYS B 137 -12.08 -17.30 5.84
CA LYS B 137 -12.12 -18.76 5.85
C LYS B 137 -13.23 -19.32 4.96
N THR B 138 -13.65 -18.58 3.95
CA THR B 138 -14.71 -19.05 3.05
C THR B 138 -14.09 -19.90 1.95
N ARG B 139 -14.59 -21.13 1.79
CA ARG B 139 -14.12 -22.05 0.76
C ARG B 139 -14.70 -21.76 -0.61
N GLU B 140 -15.63 -20.80 -0.72
CA GLU B 140 -16.36 -20.52 -1.96
C GLU B 140 -16.20 -19.03 -2.26
N GLY B 141 -15.23 -18.68 -3.11
CA GLY B 141 -14.96 -17.27 -3.32
C GLY B 141 -14.29 -16.67 -2.10
N ASN B 142 -13.00 -16.99 -1.92
CA ASN B 142 -12.22 -16.78 -0.69
C ASN B 142 -12.36 -15.40 -0.05
N VAL B 143 -12.49 -14.36 -0.87
CA VAL B 143 -12.78 -13.01 -0.38
C VAL B 143 -14.21 -12.66 -0.77
N ARG B 144 -15.06 -12.44 0.23
CA ARG B 144 -16.43 -12.03 -0.03
C ARG B 144 -16.92 -11.15 1.12
N VAL B 145 -18.06 -10.52 0.90
CA VAL B 145 -18.65 -9.59 1.86
C VAL B 145 -19.53 -10.39 2.80
N SER B 146 -19.20 -10.40 4.09
CA SER B 146 -20.09 -11.04 5.05
C SER B 146 -21.23 -10.10 5.46
N ARG B 147 -20.90 -8.97 6.09
CA ARG B 147 -21.92 -8.01 6.49
C ARG B 147 -21.42 -6.59 6.29
N GLU B 148 -22.36 -5.65 6.25
CA GLU B 148 -22.08 -4.23 6.10
C GLU B 148 -22.95 -3.47 7.10
N LEU B 149 -22.38 -3.12 8.25
CA LEU B 149 -23.10 -2.42 9.28
C LEU B 149 -23.10 -0.91 9.01
N ALA B 150 -24.22 -0.25 9.31
CA ALA B 150 -24.34 1.18 9.06
C ALA B 150 -25.33 1.78 10.04
N GLY B 151 -24.84 2.55 11.00
CA GLY B 151 -25.71 3.23 11.95
C GLY B 151 -25.21 4.60 12.37
N HIS B 152 -24.18 5.10 11.70
CA HIS B 152 -23.56 6.37 12.04
C HIS B 152 -23.77 7.39 10.93
N THR B 153 -23.69 8.67 11.31
CA THR B 153 -23.91 9.78 10.38
C THR B 153 -22.68 10.67 10.23
N GLY B 154 -21.55 10.32 10.85
CA GLY B 154 -20.35 11.12 10.74
C GLY B 154 -19.26 10.42 9.94
N TYR B 155 -18.28 9.86 10.62
CA TYR B 155 -17.28 9.01 9.98
C TYR B 155 -16.73 8.04 11.01
N LEU B 156 -16.60 6.77 10.61
CA LEU B 156 -16.09 5.75 11.51
C LEU B 156 -14.60 5.99 11.76
N SER B 157 -14.19 5.93 13.03
CA SER B 157 -12.84 6.31 13.42
C SER B 157 -11.99 5.13 13.86
N CYS B 158 -12.51 4.29 14.76
CA CYS B 158 -11.77 3.13 15.22
C CYS B 158 -12.76 2.06 15.67
N CYS B 159 -12.47 0.80 15.33
CA CYS B 159 -13.32 -0.31 15.71
C CYS B 159 -12.45 -1.52 16.05
N ARG B 160 -12.81 -2.22 17.12
CA ARG B 160 -12.08 -3.39 17.58
C ARG B 160 -13.07 -4.51 17.88
N PHE B 161 -12.61 -5.74 17.73
CA PHE B 161 -13.45 -6.91 17.99
C PHE B 161 -13.47 -7.27 19.47
N LEU B 162 -14.54 -7.94 19.87
CA LEU B 162 -14.62 -8.66 21.14
C LEU B 162 -14.60 -10.17 20.94
N ASP B 163 -15.40 -10.65 19.99
CA ASP B 163 -15.47 -12.07 19.64
C ASP B 163 -15.92 -12.17 18.18
N ASP B 164 -16.34 -13.36 17.78
CA ASP B 164 -16.83 -13.58 16.42
C ASP B 164 -18.32 -13.26 16.26
N ASN B 165 -18.92 -12.56 17.23
CA ASN B 165 -20.32 -12.20 17.16
C ASN B 165 -20.61 -10.73 17.48
N GLN B 166 -19.67 -10.02 18.09
CA GLN B 166 -19.87 -8.63 18.46
C GLN B 166 -18.65 -7.80 18.04
N ILE B 167 -18.87 -6.49 17.95
CA ILE B 167 -17.79 -5.55 17.61
C ILE B 167 -18.14 -4.22 18.26
N VAL B 168 -17.10 -3.47 18.63
CA VAL B 168 -17.26 -2.16 19.27
C VAL B 168 -16.75 -1.11 18.30
N THR B 169 -17.65 -0.30 17.76
CA THR B 169 -17.29 0.73 16.81
C THR B 169 -17.45 2.12 17.44
N SER B 170 -16.80 3.10 16.82
CA SER B 170 -16.86 4.48 17.32
C SER B 170 -16.76 5.42 16.14
N SER B 171 -17.57 6.47 16.14
CA SER B 171 -17.61 7.41 15.03
C SER B 171 -17.40 8.83 15.52
N GLY B 172 -17.52 9.78 14.58
CA GLY B 172 -17.48 11.20 14.87
C GLY B 172 -18.82 11.80 15.24
N ASP B 173 -19.81 10.97 15.57
CA ASP B 173 -21.12 11.41 16.01
C ASP B 173 -21.21 11.63 17.51
N THR B 174 -20.06 11.85 18.17
CA THR B 174 -19.91 11.99 19.62
C THR B 174 -20.50 10.80 20.38
N THR B 175 -20.27 9.59 19.87
CA THR B 175 -20.84 8.38 20.46
C THR B 175 -19.99 7.18 20.03
N CYS B 176 -20.33 6.03 20.60
CA CYS B 176 -19.74 4.75 20.20
C CYS B 176 -20.78 3.67 20.48
N ALA B 177 -20.73 2.58 19.71
CA ALA B 177 -21.77 1.57 19.76
C ALA B 177 -21.16 0.18 19.81
N LEU B 178 -21.98 -0.79 20.20
CA LEU B 178 -21.62 -2.20 20.24
C LEU B 178 -22.62 -2.93 19.36
N TRP B 179 -22.15 -3.46 18.23
CA TRP B 179 -23.02 -4.09 17.25
C TRP B 179 -23.22 -5.56 17.58
N ASP B 180 -23.80 -6.30 16.63
CA ASP B 180 -24.02 -7.73 16.78
C ASP B 180 -23.97 -8.35 15.39
N ILE B 181 -23.05 -9.29 15.20
CA ILE B 181 -22.87 -9.90 13.89
C ILE B 181 -23.99 -10.91 13.60
N GLU B 182 -24.48 -11.60 14.64
CA GLU B 182 -25.49 -12.63 14.45
C GLU B 182 -26.83 -12.07 14.02
N THR B 183 -27.21 -10.88 14.52
CA THR B 183 -28.49 -10.28 14.19
C THR B 183 -28.38 -9.22 13.10
N GLY B 184 -27.34 -8.39 13.13
CA GLY B 184 -27.15 -7.33 12.17
C GLY B 184 -27.52 -5.95 12.66
N GLN B 185 -28.31 -5.86 13.74
CA GLN B 185 -28.66 -4.59 14.33
C GLN B 185 -27.63 -4.21 15.39
N GLN B 186 -27.93 -3.18 16.18
CA GLN B 186 -27.06 -2.75 17.26
C GLN B 186 -27.64 -3.19 18.60
N THR B 187 -26.76 -3.33 19.59
CA THR B 187 -27.17 -3.72 20.92
C THR B 187 -27.42 -2.51 21.82
N THR B 188 -26.46 -1.60 21.88
CA THR B 188 -26.59 -0.39 22.70
C THR B 188 -25.85 0.75 22.03
N THR B 189 -26.07 1.96 22.54
CA THR B 189 -25.43 3.17 22.03
C THR B 189 -25.00 4.01 23.22
N PHE B 190 -23.71 4.36 23.26
CA PHE B 190 -23.13 5.05 24.40
C PHE B 190 -23.16 6.56 24.19
N THR B 191 -24.36 7.11 24.34
CA THR B 191 -24.53 8.56 24.26
C THR B 191 -24.08 9.20 25.57
N GLY B 192 -23.77 10.49 25.50
CA GLY B 192 -23.32 11.22 26.66
C GLY B 192 -21.91 11.74 26.52
N HIS B 193 -21.47 11.95 25.28
CA HIS B 193 -20.12 12.42 24.98
C HIS B 193 -20.20 13.74 24.24
N THR B 194 -19.18 14.57 24.42
CA THR B 194 -19.19 15.94 23.92
C THR B 194 -18.38 16.11 22.64
N GLY B 195 -17.11 15.70 22.65
CA GLY B 195 -16.24 15.89 21.50
C GLY B 195 -16.30 14.74 20.51
N ASP B 196 -15.50 14.86 19.46
CA ASP B 196 -15.42 13.82 18.45
C ASP B 196 -14.60 12.65 18.97
N VAL B 197 -15.20 11.45 18.92
CA VAL B 197 -14.50 10.25 19.37
C VAL B 197 -13.47 9.84 18.33
N MET B 198 -12.23 9.64 18.76
CA MET B 198 -11.11 9.41 17.86
C MET B 198 -10.66 7.96 17.83
N SER B 199 -10.42 7.35 19.00
CA SER B 199 -9.95 5.97 19.06
C SER B 199 -10.48 5.33 20.33
N LEU B 200 -10.23 4.03 20.46
CA LEU B 200 -10.61 3.31 21.67
C LEU B 200 -9.65 2.14 21.88
N SER B 201 -9.55 1.71 23.13
CA SER B 201 -8.86 0.48 23.47
C SER B 201 -9.72 -0.29 24.46
N LEU B 202 -9.40 -1.57 24.65
CA LEU B 202 -10.24 -2.41 25.51
C LEU B 202 -9.35 -3.29 26.37
N ALA B 203 -9.93 -3.69 27.52
CA ALA B 203 -9.23 -4.56 28.46
C ALA B 203 -9.08 -5.97 27.88
N PRO B 204 -7.99 -6.68 28.24
CA PRO B 204 -7.79 -8.02 27.67
C PRO B 204 -8.80 -9.07 28.12
N ASP B 205 -9.49 -8.86 29.23
CA ASP B 205 -10.59 -9.74 29.59
C ASP B 205 -11.93 -9.31 29.01
N THR B 206 -11.94 -8.19 28.24
CA THR B 206 -13.09 -7.67 27.49
C THR B 206 -14.29 -7.40 28.39
N ARG B 207 -14.09 -6.49 29.35
CA ARG B 207 -15.18 -6.04 30.21
C ARG B 207 -15.26 -4.52 30.34
N LEU B 208 -14.19 -3.79 30.07
CA LEU B 208 -14.16 -2.34 30.20
C LEU B 208 -13.34 -1.78 29.05
N PHE B 209 -13.84 -0.76 28.37
CA PHE B 209 -13.11 -0.14 27.27
C PHE B 209 -13.00 1.37 27.48
N VAL B 210 -11.86 1.92 27.04
CA VAL B 210 -11.55 3.34 27.17
C VAL B 210 -11.71 3.98 25.80
N SER B 211 -12.45 5.09 25.74
CA SER B 211 -12.73 5.78 24.49
C SER B 211 -11.94 7.07 24.41
N GLY B 212 -11.63 7.51 23.19
CA GLY B 212 -10.93 8.75 22.97
C GLY B 212 -11.89 9.91 22.75
N ALA B 213 -11.31 11.10 22.60
CA ALA B 213 -12.10 12.31 22.49
C ALA B 213 -11.29 13.39 21.78
N CYS B 214 -12.01 14.44 21.37
CA CYS B 214 -11.40 15.71 20.99
C CYS B 214 -11.72 16.81 22.00
N ASP B 215 -12.30 16.45 23.15
CA ASP B 215 -12.57 17.38 24.23
C ASP B 215 -11.60 17.15 25.40
N ALA B 216 -10.46 16.52 25.12
CA ALA B 216 -9.39 16.24 26.08
C ALA B 216 -9.88 15.39 27.26
N SER B 217 -10.55 14.28 26.94
CA SER B 217 -11.07 13.38 27.96
C SER B 217 -10.86 11.95 27.52
N ALA B 218 -10.81 11.05 28.52
CA ALA B 218 -10.62 9.62 28.29
C ALA B 218 -11.65 8.88 29.14
N LYS B 219 -12.82 8.63 28.56
CA LYS B 219 -13.91 8.00 29.28
C LYS B 219 -13.72 6.49 29.34
N LEU B 220 -13.69 5.95 30.56
CA LEU B 220 -13.82 4.53 30.78
C LEU B 220 -15.30 4.16 30.84
N TRP B 221 -15.74 3.33 29.90
CA TRP B 221 -17.13 2.94 29.76
C TRP B 221 -17.35 1.56 30.37
N ASP B 222 -18.54 1.01 30.17
CA ASP B 222 -18.86 -0.36 30.56
C ASP B 222 -19.44 -1.07 29.34
N VAL B 223 -19.30 -2.39 29.33
CA VAL B 223 -19.77 -3.18 28.19
C VAL B 223 -21.19 -3.71 28.42
N ARG B 224 -21.45 -4.28 29.60
CA ARG B 224 -22.70 -4.99 29.85
C ARG B 224 -23.85 -4.03 30.17
N GLU B 225 -23.66 -3.15 31.16
CA GLU B 225 -24.76 -2.33 31.66
C GLU B 225 -25.13 -1.19 30.72
N GLY B 226 -24.19 -0.68 29.93
CA GLY B 226 -24.50 0.36 28.96
C GLY B 226 -24.47 1.77 29.49
N MET B 227 -23.72 2.02 30.57
CA MET B 227 -23.60 3.37 31.13
C MET B 227 -22.12 3.70 31.29
N CYS B 228 -21.85 5.01 31.40
CA CYS B 228 -20.49 5.48 31.59
C CYS B 228 -20.03 5.22 33.02
N ARG B 229 -18.73 5.04 33.19
CA ARG B 229 -18.15 4.79 34.50
C ARG B 229 -17.25 5.92 34.97
N GLN B 230 -16.23 6.29 34.19
CA GLN B 230 -15.30 7.33 34.63
C GLN B 230 -14.98 8.27 33.47
N THR B 231 -14.76 9.54 33.81
CA THR B 231 -14.40 10.56 32.84
C THR B 231 -13.19 11.33 33.36
N PHE B 232 -12.14 11.42 32.54
CA PHE B 232 -10.88 12.00 32.94
C PHE B 232 -10.63 13.32 32.20
N THR B 233 -9.50 13.95 32.52
CA THR B 233 -9.08 15.20 31.92
C THR B 233 -7.57 15.33 32.10
N GLY B 234 -7.02 16.46 31.69
CA GLY B 234 -5.60 16.72 31.87
C GLY B 234 -4.90 17.25 30.64
N HIS B 235 -5.48 17.01 29.47
CA HIS B 235 -4.88 17.44 28.21
C HIS B 235 -5.39 18.83 27.82
N GLU B 236 -4.63 19.49 26.95
CA GLU B 236 -4.98 20.82 26.46
C GLU B 236 -5.20 20.83 24.94
N SER B 237 -5.38 19.67 24.34
CA SER B 237 -5.58 19.56 22.91
C SER B 237 -6.47 18.33 22.65
N ASP B 238 -6.49 17.88 21.39
CA ASP B 238 -7.23 16.68 21.03
C ASP B 238 -6.45 15.44 21.49
N ILE B 239 -7.09 14.28 21.40
CA ILE B 239 -6.48 13.01 21.77
C ILE B 239 -6.56 12.08 20.56
N ASN B 240 -5.43 11.54 20.13
CA ASN B 240 -5.37 10.77 18.90
C ASN B 240 -5.29 9.25 19.10
N ALA B 241 -4.61 8.78 20.15
CA ALA B 241 -4.41 7.34 20.30
C ALA B 241 -4.38 6.98 21.78
N ILE B 242 -5.12 5.93 22.13
CA ILE B 242 -5.17 5.40 23.49
C ILE B 242 -4.95 3.89 23.42
N CYS B 243 -3.97 3.39 24.16
CA CYS B 243 -3.79 1.97 24.38
C CYS B 243 -3.90 1.67 25.87
N PHE B 244 -4.10 0.40 26.17
CA PHE B 244 -4.46 -0.05 27.52
C PHE B 244 -3.35 -0.93 28.08
N PHE B 245 -3.13 -0.81 29.38
CA PHE B 245 -2.04 -1.53 30.04
C PHE B 245 -2.39 -3.02 30.14
N PRO B 246 -1.40 -3.92 29.96
CA PRO B 246 -1.71 -5.37 29.92
C PRO B 246 -2.18 -5.98 31.23
N ASN B 247 -2.24 -5.23 32.33
CA ASN B 247 -2.79 -5.75 33.58
C ASN B 247 -4.22 -5.28 33.80
N GLY B 248 -4.47 -3.98 33.67
CA GLY B 248 -5.81 -3.44 33.85
C GLY B 248 -5.83 -2.20 34.71
N ASN B 249 -4.66 -1.76 35.17
CA ASN B 249 -4.58 -0.65 36.11
C ASN B 249 -4.62 0.70 35.39
N ALA B 250 -3.66 0.92 34.48
CA ALA B 250 -3.47 2.22 33.84
C ALA B 250 -3.82 2.14 32.36
N PHE B 251 -3.61 3.25 31.66
CA PHE B 251 -3.66 3.36 30.21
C PHE B 251 -3.03 4.67 29.78
N ALA B 252 -2.40 4.67 28.61
CA ALA B 252 -1.75 5.87 28.10
C ALA B 252 -2.65 6.58 27.09
N THR B 253 -2.49 7.90 27.04
CA THR B 253 -3.21 8.77 26.11
C THR B 253 -2.22 9.67 25.39
N GLY B 254 -2.36 9.76 24.08
CA GLY B 254 -1.51 10.60 23.24
C GLY B 254 -2.29 11.78 22.69
N SER B 255 -1.67 12.95 22.71
CA SER B 255 -2.35 14.19 22.38
C SER B 255 -1.60 14.93 21.26
N ASP B 256 -2.02 16.16 21.00
CA ASP B 256 -1.43 16.98 19.95
C ASP B 256 -0.48 18.05 20.48
N ASP B 257 -0.14 18.00 21.77
CA ASP B 257 0.77 18.96 22.38
C ASP B 257 2.08 18.33 22.84
N ALA B 258 2.46 17.22 22.18
CA ALA B 258 3.69 16.45 22.43
C ALA B 258 3.82 15.98 23.87
N THR B 259 2.70 15.69 24.54
CA THR B 259 2.69 15.25 25.93
C THR B 259 1.84 13.99 26.00
N CYS B 260 2.50 12.84 26.14
CA CYS B 260 1.80 11.56 26.28
C CYS B 260 1.60 11.28 27.76
N ARG B 261 0.36 11.23 28.20
CA ARG B 261 0.09 11.07 29.62
C ARG B 261 -0.31 9.63 29.94
N LEU B 262 -0.15 9.27 31.21
CA LEU B 262 -0.46 7.93 31.70
C LEU B 262 -1.49 8.09 32.82
N PHE B 263 -2.74 7.74 32.54
CA PHE B 263 -3.81 7.90 33.52
C PHE B 263 -3.81 6.69 34.46
N ASP B 264 -4.79 6.62 35.35
CA ASP B 264 -4.89 5.51 36.29
C ASP B 264 -6.34 5.33 36.67
N LEU B 265 -6.71 4.08 36.98
CA LEU B 265 -8.09 3.73 37.32
C LEU B 265 -8.28 3.38 38.79
N ARG B 266 -7.28 2.75 39.42
CA ARG B 266 -7.41 2.42 40.83
C ARG B 266 -7.22 3.65 41.72
N ALA B 267 -6.12 4.38 41.51
CA ALA B 267 -5.86 5.58 42.28
C ALA B 267 -6.68 6.78 41.83
N ASP B 268 -7.20 6.74 40.59
CA ASP B 268 -8.01 7.80 39.97
C ASP B 268 -7.25 9.14 39.95
N GLN B 269 -6.04 9.12 39.41
CA GLN B 269 -5.18 10.29 39.37
C GLN B 269 -4.20 10.15 38.22
N GLU B 270 -3.93 11.25 37.52
CA GLU B 270 -2.94 11.28 36.46
C GLU B 270 -1.55 11.08 37.07
N LEU B 271 -0.74 10.23 36.44
CA LEU B 271 0.52 9.80 37.03
C LEU B 271 1.76 10.39 36.37
N MET B 272 1.89 10.26 35.05
CA MET B 272 3.15 10.62 34.40
C MET B 272 2.88 11.31 33.08
N THR B 273 3.64 12.36 32.81
CA THR B 273 3.59 13.09 31.55
C THR B 273 4.86 12.84 30.75
N TYR B 274 4.72 12.80 29.43
CA TYR B 274 5.83 12.61 28.49
C TYR B 274 5.91 13.87 27.64
N SER B 275 6.94 14.68 27.87
CA SER B 275 7.15 15.93 27.15
C SER B 275 8.41 15.82 26.31
N HIS B 276 8.28 16.17 25.03
CA HIS B 276 9.40 16.16 24.08
C HIS B 276 9.73 17.62 23.78
N ASP B 277 10.78 18.12 24.43
CA ASP B 277 11.12 19.54 24.35
C ASP B 277 11.73 19.94 23.02
N ASN B 278 12.16 18.99 22.19
CA ASN B 278 12.78 19.34 20.92
C ASN B 278 11.74 19.79 19.91
N ILE B 279 10.80 18.91 19.55
CA ILE B 279 9.77 19.20 18.56
C ILE B 279 8.41 18.99 19.21
N ILE B 280 7.49 19.92 18.97
CA ILE B 280 6.21 19.97 19.67
C ILE B 280 5.07 19.49 18.77
N CYS B 281 5.39 18.62 17.81
CA CYS B 281 4.35 18.03 16.97
C CYS B 281 3.53 17.01 17.76
N GLY B 282 2.40 16.62 17.16
CA GLY B 282 1.45 15.78 17.85
C GLY B 282 1.90 14.33 18.00
N ILE B 283 1.13 13.60 18.80
CA ILE B 283 1.38 12.18 19.09
C ILE B 283 0.23 11.40 18.48
N THR B 284 0.47 10.75 17.36
CA THR B 284 -0.60 10.11 16.62
C THR B 284 -0.66 8.59 16.79
N SER B 285 0.30 7.99 17.50
CA SER B 285 0.17 6.58 17.81
C SER B 285 0.86 6.27 19.13
N VAL B 286 0.22 5.45 19.96
CA VAL B 286 0.81 4.94 21.18
C VAL B 286 0.76 3.42 21.14
N SER B 287 1.60 2.79 21.97
CA SER B 287 1.63 1.34 22.11
C SER B 287 2.33 0.97 23.41
N PHE B 288 1.86 -0.10 24.04
CA PHE B 288 2.57 -0.68 25.17
C PHE B 288 3.43 -1.86 24.73
N SER B 289 4.33 -2.29 25.61
CA SER B 289 5.11 -3.50 25.41
C SER B 289 4.38 -4.66 26.06
N LYS B 290 5.05 -5.80 26.21
CA LYS B 290 4.42 -6.96 26.84
C LYS B 290 4.26 -6.77 28.33
N SER B 291 5.35 -6.45 29.03
CA SER B 291 5.38 -6.37 30.48
C SER B 291 5.72 -4.97 30.95
N GLY B 292 5.27 -3.96 30.23
CA GLY B 292 5.52 -2.58 30.61
C GLY B 292 6.96 -2.14 30.35
N ARG B 293 7.28 -0.98 30.92
CA ARG B 293 8.60 -0.34 30.94
C ARG B 293 9.10 0.10 29.57
N LEU B 294 8.30 -0.07 28.51
CA LEU B 294 8.68 0.37 27.17
C LEU B 294 7.41 0.84 26.48
N LEU B 295 7.14 2.13 26.52
CA LEU B 295 5.97 2.72 25.87
C LEU B 295 6.43 3.29 24.53
N LEU B 296 5.94 2.71 23.45
CA LEU B 296 6.32 3.16 22.11
C LEU B 296 5.37 4.27 21.67
N ALA B 297 5.93 5.29 21.02
CA ALA B 297 5.11 6.42 20.63
C ALA B 297 5.54 6.92 19.26
N GLY B 298 4.60 6.90 18.31
CA GLY B 298 4.83 7.41 16.98
C GLY B 298 4.26 8.81 16.85
N TYR B 299 5.15 9.77 16.63
CA TYR B 299 4.84 11.19 16.62
C TYR B 299 4.56 11.64 15.19
N ASP B 300 4.49 12.96 15.00
CA ASP B 300 4.32 13.55 13.67
C ASP B 300 5.62 14.10 13.09
N ASP B 301 6.73 14.04 13.83
CA ASP B 301 8.01 14.57 13.36
C ASP B 301 8.91 13.50 12.77
N PHE B 302 8.29 12.50 12.11
CA PHE B 302 8.95 11.45 11.32
C PHE B 302 9.82 10.57 12.22
N ASN B 303 9.30 10.25 13.41
CA ASN B 303 10.08 9.55 14.42
C ASN B 303 9.22 8.49 15.11
N CYS B 304 9.87 7.69 15.95
CA CYS B 304 9.20 6.66 16.75
C CYS B 304 10.03 6.48 18.02
N ASN B 305 9.58 7.10 19.11
CA ASN B 305 10.38 7.15 20.32
C ASN B 305 9.95 6.08 21.32
N VAL B 306 10.86 5.79 22.25
CA VAL B 306 10.71 4.71 23.24
C VAL B 306 10.80 5.39 24.61
N TRP B 307 9.65 5.63 25.24
CA TRP B 307 9.63 6.21 26.56
C TRP B 307 9.63 5.11 27.62
N ASP B 308 10.12 5.45 28.81
CA ASP B 308 10.06 4.52 29.92
C ASP B 308 8.79 4.75 30.74
N ALA B 309 8.22 3.68 31.28
CA ALA B 309 7.00 3.78 32.06
C ALA B 309 7.21 4.37 33.44
N LEU B 310 8.45 4.48 33.91
CA LEU B 310 8.74 5.04 35.22
C LEU B 310 9.81 6.13 35.21
N LYS B 311 10.69 6.17 34.22
CA LYS B 311 11.75 7.18 34.17
C LYS B 311 11.34 8.41 33.38
N ALA B 312 10.45 8.23 32.39
CA ALA B 312 9.97 9.26 31.46
C ALA B 312 11.10 9.93 30.68
N ASP B 313 12.17 9.20 30.40
CA ASP B 313 13.23 9.63 29.51
C ASP B 313 13.29 8.66 28.34
N ARG B 314 13.70 9.17 27.18
CA ARG B 314 13.69 8.34 25.97
C ARG B 314 14.85 7.33 26.00
N ALA B 315 14.50 6.06 25.87
CA ALA B 315 15.48 4.97 25.86
C ALA B 315 15.85 4.58 24.45
N GLY B 316 16.26 5.54 23.63
CA GLY B 316 16.61 5.27 22.26
C GLY B 316 15.49 5.66 21.29
N VAL B 317 15.90 5.92 20.05
CA VAL B 317 14.97 6.36 19.02
C VAL B 317 14.89 5.31 17.91
N LEU B 318 13.99 5.53 16.96
CA LEU B 318 13.88 4.70 15.77
C LEU B 318 13.94 5.57 14.54
N ALA B 319 14.44 4.99 13.45
CA ALA B 319 14.51 5.72 12.18
C ALA B 319 13.11 5.92 11.61
N GLY B 320 12.99 6.96 10.78
CA GLY B 320 11.71 7.40 10.27
C GLY B 320 11.48 7.03 8.82
N HIS B 321 10.61 7.80 8.18
CA HIS B 321 10.20 7.53 6.80
C HIS B 321 10.16 8.84 6.02
N ASP B 322 9.59 8.80 4.81
CA ASP B 322 9.36 10.03 4.05
C ASP B 322 8.11 10.76 4.51
N ASN B 323 7.27 10.12 5.33
CA ASN B 323 6.11 10.77 5.90
C ASN B 323 5.93 10.20 7.31
N ARG B 324 4.93 10.71 8.04
CA ARG B 324 4.83 10.45 9.46
C ARG B 324 4.40 9.00 9.76
N VAL B 325 4.91 8.48 10.86
CA VAL B 325 4.53 7.16 11.35
C VAL B 325 3.16 7.28 12.01
N SER B 326 2.18 6.53 11.51
CA SER B 326 0.79 6.77 11.86
C SER B 326 0.15 5.61 12.63
N CYS B 327 0.80 4.45 12.71
CA CYS B 327 0.26 3.36 13.49
C CYS B 327 1.40 2.48 13.99
N LEU B 328 1.27 2.07 15.25
CA LEU B 328 2.24 1.19 15.90
C LEU B 328 1.57 -0.13 16.24
N GLY B 329 2.39 -1.10 16.63
CA GLY B 329 1.87 -2.40 17.01
C GLY B 329 2.90 -3.31 17.65
N VAL B 330 2.53 -3.89 18.79
CA VAL B 330 3.33 -4.89 19.51
C VAL B 330 2.47 -6.14 19.65
N THR B 331 3.08 -7.30 19.42
CA THR B 331 2.36 -8.57 19.36
C THR B 331 1.89 -9.02 20.74
N ASP B 332 1.26 -10.20 20.77
CA ASP B 332 0.78 -10.77 22.02
C ASP B 332 1.92 -11.30 22.88
N ASP B 333 3.02 -11.73 22.27
CA ASP B 333 4.17 -12.20 23.03
C ASP B 333 5.20 -11.10 23.27
N GLY B 334 5.33 -10.17 22.33
CA GLY B 334 6.26 -9.05 22.51
C GLY B 334 7.57 -9.22 21.77
N MET B 335 7.51 -9.68 20.52
CA MET B 335 8.70 -9.92 19.73
C MET B 335 8.75 -9.13 18.44
N ALA B 336 7.73 -8.32 18.13
CA ALA B 336 7.68 -7.63 16.85
C ALA B 336 7.03 -6.26 17.04
N VAL B 337 7.74 -5.22 16.65
CA VAL B 337 7.21 -3.87 16.56
C VAL B 337 6.94 -3.58 15.09
N ALA B 338 5.73 -3.11 14.78
CA ALA B 338 5.38 -2.80 13.39
C ALA B 338 4.99 -1.33 13.29
N THR B 339 5.64 -0.62 12.37
CA THR B 339 5.39 0.80 12.15
C THR B 339 4.79 0.99 10.76
N GLY B 340 3.70 1.76 10.70
CA GLY B 340 3.06 2.04 9.42
C GLY B 340 2.98 3.52 9.10
N SER B 341 3.67 3.93 8.05
CA SER B 341 3.71 5.33 7.66
C SER B 341 2.86 5.56 6.42
N TRP B 342 2.85 6.79 5.91
CA TRP B 342 2.02 7.17 4.78
C TRP B 342 2.75 7.08 3.44
N ASP B 343 3.94 6.50 3.41
CA ASP B 343 4.68 6.33 2.16
C ASP B 343 4.78 4.86 1.78
N SER B 344 3.77 4.09 2.18
CA SER B 344 3.55 2.67 1.89
C SER B 344 4.66 1.76 2.41
N PHE B 345 5.51 2.22 3.32
CA PHE B 345 6.60 1.41 3.86
C PHE B 345 6.21 0.93 5.25
N LEU B 346 5.41 -0.13 5.28
CA LEU B 346 5.05 -0.81 6.53
C LEU B 346 6.24 -1.64 6.98
N LYS B 347 6.98 -1.16 7.97
CA LYS B 347 8.20 -1.83 8.37
C LYS B 347 8.02 -2.58 9.68
N ILE B 348 8.84 -3.61 9.87
CA ILE B 348 8.84 -4.44 11.07
C ILE B 348 10.25 -4.35 11.67
N TRP B 349 10.32 -3.81 12.89
CA TRP B 349 11.56 -3.63 13.61
C TRP B 349 11.88 -4.87 14.42
N ASN B 350 12.86 -4.75 15.32
CA ASN B 350 13.24 -5.85 16.20
C ASN B 350 12.16 -6.08 17.25
N SER C 8 -32.48 21.05 26.60
CA SER C 8 -32.38 22.20 27.49
C SER C 8 -32.29 21.77 28.94
N ILE C 9 -33.37 21.16 29.43
CA ILE C 9 -33.42 20.72 30.83
C ILE C 9 -32.74 19.35 30.98
N ALA C 10 -32.94 18.46 30.00
CA ALA C 10 -32.38 17.12 30.08
C ALA C 10 -30.86 17.11 29.94
N GLN C 11 -30.29 18.00 29.13
CA GLN C 11 -28.84 18.10 29.02
C GLN C 11 -28.21 18.71 30.26
N ALA C 12 -28.96 19.49 31.03
CA ALA C 12 -28.51 20.00 32.31
C ALA C 12 -28.85 19.06 33.47
N ARG C 13 -29.64 18.02 33.21
CA ARG C 13 -29.98 17.02 34.21
C ARG C 13 -29.11 15.77 34.13
N LYS C 14 -28.73 15.35 32.93
CA LYS C 14 -27.89 14.17 32.77
C LYS C 14 -26.49 14.38 33.33
N LEU C 15 -25.96 15.60 33.25
CA LEU C 15 -24.67 15.89 33.86
C LEU C 15 -24.72 15.84 35.37
N VAL C 16 -25.82 16.32 35.96
CA VAL C 16 -26.00 16.24 37.41
C VAL C 16 -26.15 14.79 37.86
N GLU C 17 -26.88 13.99 37.07
CA GLU C 17 -26.99 12.56 37.36
C GLU C 17 -25.65 11.84 37.23
N GLN C 18 -24.83 12.23 36.25
CA GLN C 18 -23.51 11.63 36.09
C GLN C 18 -22.60 12.00 37.27
N LEU C 19 -22.64 13.26 37.70
CA LEU C 19 -21.84 13.68 38.85
C LEU C 19 -22.33 13.09 40.16
N LYS C 20 -23.63 12.77 40.27
CA LYS C 20 -24.11 12.08 41.47
C LYS C 20 -23.86 10.58 41.43
N MET C 21 -23.70 9.99 40.24
CA MET C 21 -23.32 8.58 40.16
C MET C 21 -21.82 8.36 40.20
N GLU C 22 -21.02 9.41 39.98
CA GLU C 22 -19.57 9.32 40.12
C GLU C 22 -19.07 9.77 41.49
N ALA C 23 -19.85 9.53 42.55
CA ALA C 23 -19.47 9.95 43.89
C ALA C 23 -19.07 8.80 44.80
N ASN C 24 -19.71 7.64 44.67
CA ASN C 24 -19.43 6.50 45.55
C ASN C 24 -18.41 5.58 44.92
N ILE C 25 -17.15 6.03 44.95
CA ILE C 25 -16.02 5.28 44.41
C ILE C 25 -15.01 5.09 45.53
N ASP C 26 -14.87 3.85 45.99
CA ASP C 26 -13.86 3.53 46.99
C ASP C 26 -12.51 3.45 46.30
N ARG C 27 -11.77 4.56 46.30
CA ARG C 27 -10.53 4.65 45.55
C ARG C 27 -9.39 3.96 46.31
N ILE C 28 -8.24 3.86 45.63
CA ILE C 28 -7.06 3.17 46.15
C ILE C 28 -5.99 4.23 46.39
N LYS C 29 -5.13 3.98 47.38
CA LYS C 29 -3.98 4.84 47.65
C LYS C 29 -3.05 4.87 46.44
N VAL C 30 -2.51 6.07 46.17
CA VAL C 30 -1.70 6.28 44.96
C VAL C 30 -0.37 5.55 45.07
N SER C 31 0.21 5.49 46.27
CA SER C 31 1.45 4.74 46.47
C SER C 31 1.24 3.24 46.28
N LYS C 32 0.08 2.72 46.70
CA LYS C 32 -0.24 1.31 46.48
C LYS C 32 -0.45 1.02 44.99
N ALA C 33 -1.12 1.93 44.28
CA ALA C 33 -1.32 1.75 42.85
C ALA C 33 -0.03 1.89 42.06
N ALA C 34 0.94 2.66 42.56
CA ALA C 34 2.25 2.71 41.93
C ALA C 34 3.09 1.50 42.27
N ALA C 35 2.98 0.97 43.49
CA ALA C 35 3.65 -0.27 43.85
C ALA C 35 3.11 -1.47 43.07
N ASP C 36 1.82 -1.45 42.72
CA ASP C 36 1.26 -2.51 41.87
C ASP C 36 1.88 -2.47 40.47
N LEU C 37 2.01 -1.27 39.88
CA LEU C 37 2.63 -1.16 38.56
C LEU C 37 4.13 -1.46 38.62
N MET C 38 4.77 -1.20 39.76
CA MET C 38 6.18 -1.57 39.90
C MET C 38 6.34 -3.08 40.02
N ALA C 39 5.46 -3.73 40.79
CA ALA C 39 5.57 -5.16 41.01
C ALA C 39 5.16 -5.96 39.77
N TYR C 40 4.24 -5.42 38.95
CA TYR C 40 3.87 -6.12 37.72
C TYR C 40 5.00 -6.08 36.70
N CYS C 41 5.75 -4.98 36.67
CA CYS C 41 6.90 -4.91 35.78
C CYS C 41 8.09 -5.69 36.34
N GLU C 42 8.20 -5.80 37.66
CA GLU C 42 9.31 -6.52 38.26
C GLU C 42 9.12 -8.03 38.14
N ALA C 43 7.88 -8.51 38.31
CA ALA C 43 7.64 -9.95 38.33
C ALA C 43 7.74 -10.55 36.94
N HIS C 44 7.29 -9.82 35.91
CA HIS C 44 7.35 -10.28 34.53
C HIS C 44 8.52 -9.67 33.76
N ALA C 45 9.62 -9.37 34.46
CA ALA C 45 10.79 -8.76 33.83
C ALA C 45 11.62 -9.73 33.01
N LYS C 46 11.38 -11.03 33.14
CA LYS C 46 12.12 -12.03 32.37
C LYS C 46 11.27 -12.69 31.31
N GLU C 47 10.00 -12.32 31.17
CA GLU C 47 9.13 -12.81 30.11
C GLU C 47 8.86 -11.75 29.04
N ASP C 48 9.71 -10.71 28.99
CA ASP C 48 9.57 -9.63 28.02
C ASP C 48 10.82 -9.67 27.14
N PRO C 49 10.72 -10.23 25.93
CA PRO C 49 11.90 -10.35 25.07
C PRO C 49 12.22 -9.08 24.28
N LEU C 50 11.51 -8.00 24.56
CA LEU C 50 11.81 -6.71 23.95
C LEU C 50 12.67 -5.82 24.84
N LEU C 51 12.53 -5.94 26.16
CA LEU C 51 13.39 -5.19 27.07
C LEU C 51 14.82 -5.73 27.05
N THR C 52 14.97 -7.05 26.96
CA THR C 52 16.26 -7.69 26.86
C THR C 52 16.31 -8.45 25.54
N PRO C 53 17.34 -8.22 24.71
CA PRO C 53 17.39 -8.89 23.40
C PRO C 53 17.66 -10.38 23.52
N VAL C 54 17.21 -11.11 22.51
CA VAL C 54 17.34 -12.56 22.45
C VAL C 54 18.21 -12.93 21.25
N PRO C 55 18.91 -14.08 21.29
CA PRO C 55 19.71 -14.48 20.12
C PRO C 55 18.87 -14.96 18.94
N ALA C 56 19.55 -15.37 17.87
CA ALA C 56 18.88 -15.82 16.66
C ALA C 56 18.21 -17.18 16.81
N SER C 57 18.59 -17.97 17.81
CA SER C 57 17.95 -19.25 18.05
C SER C 57 16.60 -19.10 18.75
N GLU C 58 16.43 -18.02 19.51
CA GLU C 58 15.18 -17.73 20.19
C GLU C 58 14.32 -16.73 19.42
N ASN C 59 14.66 -16.45 18.16
CA ASN C 59 13.94 -15.48 17.36
C ASN C 59 13.75 -16.03 15.95
N PRO C 60 12.50 -16.18 15.48
CA PRO C 60 12.28 -16.62 14.10
C PRO C 60 12.57 -15.55 13.05
N PHE C 61 12.78 -14.29 13.46
CA PHE C 61 13.11 -13.24 12.51
C PHE C 61 14.55 -13.39 11.99
N ARG C 62 15.52 -13.31 12.90
CA ARG C 62 16.93 -13.38 12.52
C ARG C 62 17.40 -14.82 12.36
N ALA D 210 52.65 13.22 -16.10
CA ALA D 210 52.90 13.44 -17.52
C ALA D 210 51.62 13.25 -18.34
N THR D 211 51.31 12.01 -18.66
CA THR D 211 50.12 11.69 -19.44
C THR D 211 49.10 10.86 -18.67
N ALA D 212 49.56 9.84 -17.91
CA ALA D 212 48.65 8.92 -17.24
C ALA D 212 47.86 9.59 -16.13
N ALA D 213 48.42 10.65 -15.53
CA ALA D 213 47.68 11.46 -14.58
C ALA D 213 46.46 12.11 -15.24
N ILE D 214 46.61 12.54 -16.49
CA ILE D 214 45.47 12.96 -17.31
C ILE D 214 44.48 11.82 -17.46
N ALA D 215 44.99 10.61 -17.71
CA ALA D 215 44.14 9.42 -17.74
C ALA D 215 43.53 9.15 -16.38
N ALA D 216 44.24 9.52 -15.31
CA ALA D 216 43.67 9.43 -13.96
C ALA D 216 42.47 10.35 -13.82
N ALA D 217 42.51 11.53 -14.45
CA ALA D 217 41.32 12.38 -14.52
C ALA D 217 40.21 11.68 -15.26
N ILE D 218 40.55 10.97 -16.35
CA ILE D 218 39.60 10.10 -17.04
C ILE D 218 39.08 9.04 -16.11
N THR D 219 39.95 8.48 -15.25
CA THR D 219 39.54 7.54 -14.22
C THR D 219 38.55 8.20 -13.26
N PHE D 220 38.84 9.46 -12.88
CA PHE D 220 37.92 10.23 -12.04
C PHE D 220 36.61 10.46 -12.77
N LEU D 221 36.68 10.64 -14.09
CA LEU D 221 35.49 10.72 -14.94
C LEU D 221 34.63 9.47 -14.79
N ILE D 222 35.29 8.30 -14.83
CA ILE D 222 34.61 7.02 -14.64
C ILE D 222 33.93 6.97 -13.29
N LEU D 223 34.61 7.53 -12.26
CA LEU D 223 34.07 7.53 -10.90
C LEU D 223 32.79 8.33 -10.82
N PHE D 224 32.70 9.44 -11.56
CA PHE D 224 31.47 10.23 -11.51
C PHE D 224 30.35 9.49 -12.23
N THR D 225 30.67 8.71 -13.25
CA THR D 225 29.66 7.92 -13.92
C THR D 225 29.23 6.76 -13.04
N ILE D 226 30.11 6.34 -12.11
CA ILE D 226 29.70 5.39 -11.09
C ILE D 226 28.84 6.09 -10.05
N PHE D 227 29.12 7.37 -9.79
CA PHE D 227 28.50 8.04 -8.66
C PHE D 227 27.10 8.53 -9.00
N GLY D 228 26.91 9.08 -10.19
CA GLY D 228 25.63 9.69 -10.53
C GLY D 228 24.57 8.68 -10.92
N ASN D 229 24.80 7.98 -12.05
CA ASN D 229 23.76 7.27 -12.81
C ASN D 229 23.03 6.21 -11.98
N ALA D 230 23.77 5.30 -11.35
CA ALA D 230 23.16 4.26 -10.52
C ALA D 230 22.41 4.86 -9.34
N LEU D 231 22.91 5.97 -8.79
CA LEU D 231 22.21 6.68 -7.73
C LEU D 231 20.85 7.18 -8.23
N VAL D 232 20.82 7.67 -9.48
CA VAL D 232 19.58 8.06 -10.12
C VAL D 232 18.64 6.87 -10.23
N ILE D 233 19.21 5.68 -10.53
CA ILE D 233 18.43 4.45 -10.55
C ILE D 233 17.82 4.17 -9.18
N LEU D 234 18.61 4.39 -8.12
CA LEU D 234 18.10 4.20 -6.77
C LEU D 234 17.04 5.23 -6.44
N ALA D 235 17.13 6.42 -7.04
CA ALA D 235 16.12 7.45 -6.83
C ALA D 235 14.79 7.06 -7.46
N VAL D 236 14.83 6.12 -8.42
CA VAL D 236 13.57 5.61 -8.96
C VAL D 236 13.13 4.38 -8.15
N LEU D 237 14.09 3.66 -7.56
CA LEU D 237 13.72 2.39 -6.93
C LEU D 237 13.08 2.58 -5.56
N THR D 238 13.65 3.42 -4.71
CA THR D 238 13.13 3.66 -3.37
C THR D 238 12.63 5.11 -3.32
N SER D 239 11.37 5.29 -3.72
CA SER D 239 10.74 6.62 -3.75
C SER D 239 9.23 6.40 -3.77
N ARG D 240 8.50 7.50 -3.54
CA ARG D 240 7.05 7.48 -3.66
C ARG D 240 6.61 8.55 -4.66
N SER D 241 7.25 9.71 -4.60
CA SER D 241 6.94 10.80 -5.52
C SER D 241 7.49 10.56 -6.92
N LEU D 242 8.48 9.69 -7.08
CA LEU D 242 9.05 9.37 -8.38
C LEU D 242 8.55 8.04 -8.93
N ARG D 243 7.32 7.66 -8.58
CA ARG D 243 6.68 6.48 -9.14
C ARG D 243 5.98 6.75 -10.45
N ALA D 244 6.09 7.97 -10.98
CA ALA D 244 5.46 8.32 -12.24
C ALA D 244 6.21 7.66 -13.40
N PRO D 245 5.52 7.26 -14.47
CA PRO D 245 6.18 6.47 -15.52
C PRO D 245 7.04 7.27 -16.49
N GLN D 246 7.40 8.52 -16.19
CA GLN D 246 8.34 9.23 -17.05
C GLN D 246 9.79 8.99 -16.64
N ASN D 247 10.02 8.24 -15.57
CA ASN D 247 11.34 8.01 -15.03
C ASN D 247 12.00 6.73 -15.52
N LEU D 248 11.24 5.87 -16.23
CA LEU D 248 11.84 4.68 -16.84
C LEU D 248 12.79 5.06 -17.96
N PHE D 249 12.55 6.19 -18.63
CA PHE D 249 13.50 6.73 -19.58
C PHE D 249 14.82 7.11 -18.90
N LEU D 250 14.73 7.69 -17.70
CA LEU D 250 15.94 8.04 -16.96
C LEU D 250 16.66 6.81 -16.45
N VAL D 251 15.90 5.77 -16.07
CA VAL D 251 16.50 4.48 -15.69
C VAL D 251 17.27 3.87 -16.85
N SER D 252 16.65 3.84 -18.04
CA SER D 252 17.31 3.28 -19.22
C SER D 252 18.49 4.15 -19.68
N LEU D 253 18.40 5.47 -19.47
CA LEU D 253 19.51 6.35 -19.82
C LEU D 253 20.69 6.17 -18.88
N ALA D 254 20.42 5.98 -17.59
CA ALA D 254 21.49 5.69 -16.63
C ALA D 254 22.13 4.34 -16.88
N ALA D 255 21.31 3.34 -17.26
CA ALA D 255 21.85 2.03 -17.63
C ALA D 255 22.70 2.11 -18.89
N ALA D 256 22.26 2.91 -19.87
CA ALA D 256 23.05 3.11 -21.08
C ALA D 256 24.35 3.85 -20.79
N ASP D 257 24.34 4.80 -19.85
CA ASP D 257 25.56 5.52 -19.52
C ASP D 257 26.55 4.64 -18.78
N ILE D 258 26.06 3.77 -17.87
CA ILE D 258 27.01 2.90 -17.17
C ILE D 258 27.51 1.79 -18.10
N LEU D 259 26.71 1.39 -19.10
CA LEU D 259 27.21 0.47 -20.12
C LEU D 259 28.18 1.14 -21.08
N VAL D 260 28.05 2.46 -21.31
CA VAL D 260 29.10 3.21 -21.99
C VAL D 260 30.39 3.13 -21.18
N ALA D 261 30.31 3.53 -19.91
CA ALA D 261 31.50 3.68 -19.05
C ALA D 261 32.25 2.38 -18.84
N THR D 262 31.62 1.42 -18.15
CA THR D 262 32.32 0.23 -17.65
C THR D 262 32.73 -0.73 -18.74
N LEU D 263 32.20 -0.57 -19.96
CA LEU D 263 32.56 -1.44 -21.08
C LEU D 263 33.49 -0.75 -22.07
N ILE D 264 33.32 0.55 -22.29
CA ILE D 264 34.05 1.21 -23.36
C ILE D 264 35.26 2.01 -22.87
N ILE D 265 35.13 2.74 -21.75
CA ILE D 265 36.14 3.74 -21.38
C ILE D 265 37.47 3.16 -20.91
N PRO D 266 37.55 2.06 -20.13
CA PRO D 266 38.90 1.48 -19.86
C PRO D 266 39.59 0.92 -21.11
N PHE D 267 38.84 0.35 -22.05
CA PHE D 267 39.47 -0.11 -23.29
C PHE D 267 39.88 1.08 -24.17
N SER D 268 39.13 2.18 -24.12
CA SER D 268 39.55 3.39 -24.81
C SER D 268 40.81 3.98 -24.19
N LEU D 269 40.94 3.86 -22.86
CA LEU D 269 42.13 4.34 -22.17
C LEU D 269 43.33 3.46 -22.51
N ALA D 270 43.10 2.15 -22.66
CA ALA D 270 44.16 1.25 -23.12
C ALA D 270 44.53 1.48 -24.58
N ASN D 271 43.57 1.93 -25.40
CA ASN D 271 43.84 2.17 -26.81
C ASN D 271 44.58 3.49 -27.02
N GLU D 272 44.24 4.52 -26.24
CA GLU D 272 44.88 5.82 -26.44
C GLU D 272 46.31 5.86 -25.92
N LEU D 273 46.56 5.19 -24.80
CA LEU D 273 47.91 5.14 -24.22
C LEU D 273 48.67 3.97 -24.85
N LEU D 274 49.80 4.28 -25.49
CA LEU D 274 50.65 3.33 -26.22
C LEU D 274 49.83 2.62 -27.31
N GLY D 275 49.43 3.42 -28.30
CA GLY D 275 48.42 3.03 -29.26
C GLY D 275 48.71 1.87 -30.19
N TYR D 276 48.07 0.74 -29.91
CA TYR D 276 47.94 -0.44 -30.76
C TYR D 276 46.87 -1.31 -30.13
N TRP D 277 46.19 -2.09 -30.96
CA TRP D 277 45.07 -2.90 -30.49
C TRP D 277 45.54 -4.28 -30.09
N TYR D 278 45.08 -4.73 -28.92
CA TYR D 278 45.52 -6.00 -28.35
C TYR D 278 44.38 -6.58 -27.50
N PHE D 279 44.75 -7.52 -26.63
CA PHE D 279 43.94 -8.36 -25.73
C PHE D 279 43.14 -9.46 -26.44
N ARG D 280 43.05 -9.40 -27.77
CA ARG D 280 42.59 -10.39 -28.74
C ARG D 280 42.69 -9.73 -30.12
N ARG D 281 42.40 -10.52 -31.14
CA ARG D 281 42.37 -10.03 -32.51
C ARG D 281 40.95 -9.67 -32.97
N THR D 282 39.95 -10.44 -32.57
CA THR D 282 38.59 -10.26 -33.08
C THR D 282 37.70 -9.39 -32.19
N TRP D 283 38.25 -8.76 -31.15
CA TRP D 283 37.46 -7.86 -30.33
C TRP D 283 37.26 -6.48 -30.93
N CYS D 284 37.91 -6.17 -32.06
CA CYS D 284 37.81 -4.83 -32.64
C CYS D 284 36.40 -4.55 -33.17
N GLU D 285 35.82 -5.50 -33.90
CA GLU D 285 34.47 -5.31 -34.43
C GLU D 285 33.42 -5.26 -33.33
N VAL D 286 33.58 -6.10 -32.30
CA VAL D 286 32.67 -6.11 -31.15
C VAL D 286 32.78 -4.80 -30.38
N TYR D 287 33.99 -4.26 -30.24
CA TYR D 287 34.19 -3.01 -29.52
C TYR D 287 33.62 -1.83 -30.28
N LEU D 288 33.80 -1.80 -31.61
CA LEU D 288 33.20 -0.74 -32.42
C LEU D 288 31.68 -0.84 -32.42
N ALA D 289 31.14 -2.05 -32.43
CA ALA D 289 29.69 -2.24 -32.41
C ALA D 289 29.09 -1.78 -31.08
N LEU D 290 29.74 -2.10 -29.96
CA LEU D 290 29.26 -1.64 -28.67
C LEU D 290 29.44 -0.14 -28.51
N ASP D 291 30.49 0.44 -29.10
CA ASP D 291 30.72 1.88 -29.00
C ASP D 291 29.68 2.65 -29.80
N VAL D 292 29.27 2.13 -30.95
CA VAL D 292 28.18 2.77 -31.70
C VAL D 292 26.84 2.55 -30.98
N LEU D 293 26.62 1.33 -30.47
CA LEU D 293 25.34 0.94 -29.87
C LEU D 293 25.02 1.74 -28.61
N PHE D 294 25.95 1.76 -27.66
CA PHE D 294 25.67 2.36 -26.36
C PHE D 294 25.62 3.88 -26.40
N CYS D 295 26.14 4.51 -27.46
CA CYS D 295 26.02 5.95 -27.61
C CYS D 295 24.80 6.34 -28.44
N THR D 296 24.48 5.57 -29.49
CA THR D 296 23.27 5.81 -30.27
C THR D 296 22.02 5.57 -29.41
N SER D 297 22.09 4.60 -28.50
CA SER D 297 21.02 4.37 -27.54
C SER D 297 20.83 5.57 -26.62
N SER D 298 21.94 6.20 -26.21
CA SER D 298 21.85 7.39 -25.36
C SER D 298 21.22 8.56 -26.10
N ILE D 299 21.58 8.74 -27.38
CA ILE D 299 21.02 9.83 -28.16
C ILE D 299 19.53 9.63 -28.40
N VAL D 300 19.12 8.38 -28.70
CA VAL D 300 17.70 8.17 -28.94
C VAL D 300 16.89 8.17 -27.65
N HIS D 301 17.48 7.84 -26.50
CA HIS D 301 16.78 8.05 -25.24
C HIS D 301 16.63 9.54 -24.93
N LEU D 302 17.62 10.35 -25.28
CA LEU D 302 17.49 11.80 -25.10
C LEU D 302 16.38 12.38 -25.97
N CYS D 303 16.29 11.95 -27.23
CA CYS D 303 15.21 12.47 -28.07
C CYS D 303 13.86 11.87 -27.68
N ALA D 304 13.85 10.69 -27.07
CA ALA D 304 12.59 10.14 -26.56
C ALA D 304 12.10 10.90 -25.34
N ILE D 305 13.01 11.30 -24.44
CA ILE D 305 12.66 12.17 -23.33
C ILE D 305 12.13 13.51 -23.84
N SER D 306 12.78 14.04 -24.88
CA SER D 306 12.35 15.31 -25.47
C SER D 306 10.95 15.20 -26.11
N LEU D 307 10.69 14.10 -26.80
CA LEU D 307 9.38 13.89 -27.41
C LEU D 307 8.29 13.65 -26.37
N ASP D 308 8.64 12.99 -25.26
CA ASP D 308 7.66 12.79 -24.19
C ASP D 308 7.35 14.11 -23.50
N ARG D 309 8.36 14.98 -23.33
CA ARG D 309 8.11 16.30 -22.75
C ARG D 309 7.33 17.19 -23.71
N TYR D 310 7.44 16.94 -25.02
CA TYR D 310 6.56 17.63 -25.96
C TYR D 310 5.13 17.13 -25.85
N TRP D 311 4.94 15.82 -25.76
CA TRP D 311 3.60 15.26 -25.70
C TRP D 311 2.94 15.47 -24.34
N ALA D 312 3.71 15.94 -23.34
CA ALA D 312 3.12 16.29 -22.06
C ALA D 312 2.24 17.52 -22.17
N VAL D 313 2.72 18.57 -22.84
CA VAL D 313 2.02 19.87 -22.84
C VAL D 313 1.27 20.14 -24.12
N SER D 314 1.55 19.42 -25.21
CA SER D 314 0.85 19.63 -26.47
C SER D 314 -0.57 19.10 -26.44
N ARG D 315 -0.76 17.92 -25.84
CA ARG D 315 -2.07 17.36 -25.51
C ARG D 315 -2.04 16.98 -24.04
N ALA D 316 -2.82 17.70 -23.24
CA ALA D 316 -2.69 17.59 -21.78
C ALA D 316 -3.55 16.47 -21.21
N LEU D 317 -4.86 16.55 -21.42
CA LEU D 317 -5.78 15.65 -20.72
C LEU D 317 -5.79 14.25 -21.33
N GLU D 318 -6.08 14.15 -22.61
CA GLU D 318 -6.29 12.86 -23.25
C GLU D 318 -5.00 12.12 -23.59
N TYR D 319 -3.84 12.62 -23.15
CA TYR D 319 -2.60 11.86 -23.25
C TYR D 319 -2.24 11.13 -21.98
N ASN D 320 -2.68 11.60 -20.80
CA ASN D 320 -2.44 10.89 -19.56
C ASN D 320 -3.19 9.58 -19.48
N SER D 321 -4.29 9.43 -20.20
CA SER D 321 -4.94 8.14 -20.35
C SER D 321 -4.18 7.20 -21.27
N LYS D 322 -3.25 7.73 -22.07
CA LYS D 322 -2.40 6.92 -22.94
C LYS D 322 -0.99 6.73 -22.40
N ARG D 323 -0.51 7.62 -21.54
CA ARG D 323 0.81 7.44 -20.93
C ARG D 323 0.73 6.36 -19.87
N THR D 324 0.83 5.11 -20.29
CA THR D 324 0.88 3.95 -19.41
C THR D 324 2.31 3.41 -19.41
N PRO D 325 2.73 2.74 -18.32
CA PRO D 325 4.08 2.15 -18.31
C PRO D 325 4.29 1.05 -19.34
N ARG D 326 3.23 0.41 -19.82
CA ARG D 326 3.35 -0.50 -20.95
C ARG D 326 3.79 0.23 -22.21
N ARG D 327 3.21 1.41 -22.47
CA ARG D 327 3.61 2.22 -23.62
C ARG D 327 5.04 2.74 -23.45
N ILE D 328 5.44 3.07 -22.21
CA ILE D 328 6.79 3.53 -21.95
C ILE D 328 7.80 2.42 -22.20
N LYS D 329 7.49 1.20 -21.75
CA LYS D 329 8.37 0.06 -22.03
C LYS D 329 8.41 -0.29 -23.51
N CYS D 330 7.29 -0.09 -24.23
CA CYS D 330 7.30 -0.29 -25.68
C CYS D 330 8.20 0.72 -26.38
N ILE D 331 8.16 1.99 -25.94
CA ILE D 331 9.04 3.00 -26.53
C ILE D 331 10.51 2.72 -26.20
N ILE D 332 10.79 2.22 -24.98
CA ILE D 332 12.17 1.91 -24.59
C ILE D 332 12.71 0.73 -25.40
N LEU D 333 11.93 -0.35 -25.51
CA LEU D 333 12.36 -1.49 -26.33
C LEU D 333 12.43 -1.12 -27.80
N THR D 334 11.59 -0.19 -28.27
CA THR D 334 11.64 0.26 -29.66
C THR D 334 12.94 1.02 -29.94
N VAL D 335 13.33 1.91 -29.02
CA VAL D 335 14.55 2.66 -29.30
C VAL D 335 15.81 1.82 -29.07
N TRP D 336 15.74 0.79 -28.21
CA TRP D 336 16.85 -0.17 -28.14
C TRP D 336 16.95 -1.00 -29.40
N LEU D 337 15.81 -1.36 -30.01
CA LEU D 337 15.86 -2.09 -31.28
C LEU D 337 16.34 -1.19 -32.42
N ILE D 338 16.01 0.10 -32.38
CA ILE D 338 16.54 1.05 -33.36
C ILE D 338 18.07 1.17 -33.22
N ALA D 339 18.56 1.24 -31.98
CA ALA D 339 20.00 1.24 -31.75
C ALA D 339 20.66 -0.06 -32.19
N ALA D 340 19.97 -1.19 -32.06
CA ALA D 340 20.50 -2.46 -32.54
C ALA D 340 20.55 -2.51 -34.06
N VAL D 341 19.54 -1.93 -34.73
CA VAL D 341 19.55 -1.84 -36.19
C VAL D 341 20.69 -0.94 -36.68
N ILE D 342 21.00 0.11 -35.92
CA ILE D 342 22.15 0.96 -36.25
C ILE D 342 23.46 0.20 -36.03
N SER D 343 23.53 -0.59 -34.96
CA SER D 343 24.78 -1.29 -34.62
C SER D 343 24.95 -2.63 -35.33
N LEU D 344 23.99 -3.05 -36.14
CA LEU D 344 24.11 -4.30 -36.92
C LEU D 344 25.02 -4.27 -38.15
N PRO D 345 25.05 -3.24 -39.02
CA PRO D 345 25.93 -3.32 -40.22
C PRO D 345 27.43 -3.23 -39.96
N PRO D 346 27.92 -3.00 -38.73
CA PRO D 346 29.30 -3.48 -38.47
C PRO D 346 29.40 -4.97 -38.20
N LEU D 347 28.30 -5.65 -37.83
CA LEU D 347 28.37 -7.11 -37.73
C LEU D 347 28.17 -7.76 -39.09
N ILE D 348 27.02 -7.51 -39.71
CA ILE D 348 26.76 -8.05 -41.05
C ILE D 348 27.52 -7.21 -42.07
N TYR D 349 27.74 -7.80 -43.25
CA TYR D 349 28.55 -7.24 -44.35
C TYR D 349 29.96 -6.89 -43.86
N LYS D 350 30.67 -7.96 -43.53
CA LYS D 350 32.06 -7.94 -43.02
C LYS D 350 32.19 -7.12 -41.74
N PRO D 361 48.43 -3.17 -36.10
CA PRO D 361 47.31 -3.54 -35.23
C PRO D 361 46.59 -2.34 -34.63
N GLN D 362 45.91 -1.57 -35.48
CA GLN D 362 45.19 -0.37 -35.06
C GLN D 362 43.71 -0.58 -35.32
N CYS D 363 42.92 -0.62 -34.24
CA CYS D 363 41.47 -0.77 -34.33
C CYS D 363 40.89 0.60 -34.66
N LYS D 364 40.74 0.88 -35.95
CA LYS D 364 40.28 2.19 -36.42
C LYS D 364 38.76 2.23 -36.41
N LEU D 365 38.21 3.28 -37.02
CA LEU D 365 36.76 3.42 -37.21
C LEU D 365 36.55 3.87 -38.66
N ASN D 366 36.24 2.91 -39.54
CA ASN D 366 36.15 3.19 -40.96
C ASN D 366 35.23 2.17 -41.60
N GLN D 367 34.32 2.65 -42.42
CA GLN D 367 33.40 1.81 -43.19
C GLN D 367 33.24 2.48 -44.55
N GLU D 368 32.43 1.90 -45.43
CA GLU D 368 32.23 2.45 -46.77
C GLU D 368 31.37 3.71 -46.70
N ALA D 369 31.23 4.36 -47.86
CA ALA D 369 30.58 5.67 -47.91
C ALA D 369 29.07 5.58 -47.76
N TRP D 370 28.48 4.42 -48.03
CA TRP D 370 27.02 4.30 -47.93
C TRP D 370 26.59 4.20 -46.47
N TYR D 371 27.43 3.60 -45.61
CA TYR D 371 27.02 3.40 -44.22
C TYR D 371 27.29 4.63 -43.37
N ILE D 372 28.41 5.31 -43.60
CA ILE D 372 28.86 6.37 -42.68
C ILE D 372 27.92 7.58 -42.73
N LEU D 373 27.37 7.89 -43.92
CA LEU D 373 26.41 8.97 -44.03
C LEU D 373 25.08 8.58 -43.38
N ALA D 374 24.61 7.36 -43.66
CA ALA D 374 23.33 6.90 -43.12
C ALA D 374 23.39 6.73 -41.62
N SER D 375 24.47 6.12 -41.10
CA SER D 375 24.62 5.97 -39.65
C SER D 375 24.83 7.30 -38.96
N SER D 376 25.57 8.23 -39.58
CA SER D 376 25.78 9.54 -38.98
C SER D 376 24.49 10.34 -38.90
N ILE D 377 23.71 10.34 -39.99
CA ILE D 377 22.42 11.05 -40.02
C ILE D 377 21.45 10.44 -39.02
N GLY D 378 21.20 9.13 -39.14
CA GLY D 378 20.26 8.46 -38.25
C GLY D 378 20.72 8.34 -36.80
N SER D 379 21.99 8.61 -36.52
CA SER D 379 22.45 8.67 -35.14
C SER D 379 22.31 10.07 -34.55
N PHE D 380 22.70 11.11 -35.29
CA PHE D 380 22.71 12.45 -34.69
C PHE D 380 21.80 13.44 -35.38
N PHE D 381 21.83 13.51 -36.72
CA PHE D 381 21.29 14.68 -37.40
C PHE D 381 19.77 14.71 -37.44
N ALA D 382 19.12 13.57 -37.45
CA ALA D 382 17.67 13.57 -37.28
C ALA D 382 17.24 13.76 -35.81
N PRO D 383 17.82 13.07 -34.80
CA PRO D 383 17.40 13.38 -33.43
C PRO D 383 17.78 14.78 -32.95
N CYS D 384 18.88 15.36 -33.42
CA CYS D 384 19.23 16.72 -33.01
C CYS D 384 18.24 17.73 -33.58
N LEU D 385 17.84 17.55 -34.85
CA LEU D 385 16.85 18.44 -35.46
C LEU D 385 15.49 18.28 -34.80
N ILE D 386 15.11 17.05 -34.45
CA ILE D 386 13.86 16.80 -33.74
C ILE D 386 13.89 17.47 -32.37
N MET D 387 15.02 17.36 -31.65
CA MET D 387 15.12 17.99 -30.32
C MET D 387 15.10 19.52 -30.41
N ILE D 388 15.72 20.09 -31.46
CA ILE D 388 15.71 21.55 -31.62
C ILE D 388 14.29 22.05 -31.91
N LEU D 389 13.58 21.39 -32.84
CA LEU D 389 12.20 21.79 -33.14
C LEU D 389 11.27 21.58 -31.95
N VAL D 390 11.48 20.48 -31.21
CA VAL D 390 10.63 20.20 -30.04
C VAL D 390 10.87 21.22 -28.94
N TYR D 391 12.12 21.51 -28.59
CA TYR D 391 12.35 22.48 -27.52
C TYR D 391 12.02 23.92 -27.93
N LEU D 392 12.05 24.24 -29.24
CA LEU D 392 11.50 25.53 -29.65
C LEU D 392 9.99 25.58 -29.48
N ARG D 393 9.29 24.47 -29.77
CA ARG D 393 7.85 24.43 -29.49
C ARG D 393 7.56 24.47 -27.99
N ILE D 394 8.42 23.86 -27.18
CA ILE D 394 8.29 23.93 -25.73
C ILE D 394 8.47 25.37 -25.23
N TYR D 395 9.42 26.10 -25.85
CA TYR D 395 9.64 27.50 -25.48
C TYR D 395 8.44 28.36 -25.87
N LEU D 396 7.84 28.11 -27.03
CA LEU D 396 6.64 28.85 -27.42
C LEU D 396 5.44 28.52 -26.52
N ILE D 397 5.29 27.26 -26.11
CA ILE D 397 4.19 26.89 -25.23
C ILE D 397 4.38 27.50 -23.83
N ALA D 398 5.61 27.44 -23.31
CA ALA D 398 5.89 28.02 -22.00
C ALA D 398 5.85 29.55 -22.03
N LYS D 399 6.06 30.17 -23.19
CA LYS D 399 5.81 31.61 -23.31
C LYS D 399 4.31 31.90 -23.34
N ARG D 400 3.53 31.00 -23.96
CA ARG D 400 2.09 31.17 -23.98
C ARG D 400 1.47 30.91 -22.61
N SER D 401 2.02 29.96 -21.86
CA SER D 401 1.47 29.54 -20.58
C SER D 401 2.02 30.34 -19.40
N ASN D 402 2.48 31.57 -19.63
CA ASN D 402 2.98 32.43 -18.57
C ASN D 402 2.04 33.61 -18.29
N ARG D 403 1.12 33.89 -19.20
CA ARG D 403 0.21 35.03 -19.05
C ARG D 403 -1.20 34.66 -19.52
N ARG D 420 3.88 39.97 -8.23
CA ARG D 420 3.01 39.45 -9.28
C ARG D 420 3.63 39.67 -10.65
N ARG D 421 4.69 40.48 -10.71
CA ARG D 421 5.41 40.72 -11.95
C ARG D 421 6.88 40.35 -11.79
N ARG D 422 7.41 40.52 -10.58
CA ARG D 422 8.76 40.07 -10.29
C ARG D 422 8.84 38.55 -10.19
N ALA D 423 7.73 37.88 -9.91
CA ALA D 423 7.65 36.42 -9.96
C ALA D 423 7.42 35.89 -11.36
N GLN D 424 7.22 36.78 -12.35
CA GLN D 424 7.06 36.41 -13.74
C GLN D 424 8.28 36.74 -14.60
N LEU D 425 8.87 37.91 -14.39
CA LEU D 425 10.05 38.31 -15.16
C LEU D 425 11.29 37.49 -14.79
N THR D 426 11.34 36.96 -13.56
CA THR D 426 12.42 36.04 -13.21
C THR D 426 12.09 34.62 -13.61
N ARG D 427 10.80 34.25 -13.61
CA ARG D 427 10.39 32.93 -14.07
C ARG D 427 10.67 32.74 -15.55
N GLU D 428 10.49 33.81 -16.34
CA GLU D 428 10.78 33.77 -17.77
C GLU D 428 12.26 33.53 -18.03
N LYS D 429 13.12 34.25 -17.30
CA LYS D 429 14.56 34.01 -17.39
C LYS D 429 14.93 32.63 -16.88
N ARG D 430 14.18 32.10 -15.91
CA ARG D 430 14.46 30.76 -15.39
C ARG D 430 14.21 29.68 -16.43
N PHE D 431 13.02 29.65 -17.05
CA PHE D 431 12.83 28.59 -18.04
C PHE D 431 13.56 28.88 -19.35
N THR D 432 13.89 30.15 -19.63
CA THR D 432 14.77 30.46 -20.75
C THR D 432 16.16 29.90 -20.53
N PHE D 433 16.69 30.03 -19.31
CA PHE D 433 18.01 29.46 -18.99
C PHE D 433 17.98 27.94 -19.02
N VAL D 434 16.89 27.33 -18.54
CA VAL D 434 16.80 25.87 -18.54
C VAL D 434 16.73 25.33 -19.97
N LEU D 435 15.85 25.89 -20.81
CA LEU D 435 15.76 25.46 -22.20
C LEU D 435 16.97 25.88 -23.03
N ALA D 436 17.76 26.84 -22.56
CA ALA D 436 19.01 27.18 -23.23
C ALA D 436 20.09 26.16 -22.90
N VAL D 437 20.21 25.77 -21.62
CA VAL D 437 21.25 24.83 -21.21
C VAL D 437 20.99 23.44 -21.80
N VAL D 438 19.72 23.00 -21.78
CA VAL D 438 19.39 21.66 -22.27
C VAL D 438 19.65 21.53 -23.78
N ILE D 439 19.34 22.59 -24.53
CA ILE D 439 19.59 22.55 -25.98
C ILE D 439 21.02 22.94 -26.33
N GLY D 440 21.78 23.51 -25.41
CA GLY D 440 23.11 23.95 -25.73
C GLY D 440 24.23 23.00 -25.36
N VAL D 441 24.12 22.36 -24.20
CA VAL D 441 25.17 21.44 -23.76
C VAL D 441 25.23 20.22 -24.66
N PHE D 442 24.06 19.77 -25.14
CA PHE D 442 23.99 18.64 -26.08
C PHE D 442 24.69 18.97 -27.40
N VAL D 443 24.46 20.18 -27.91
CA VAL D 443 25.08 20.59 -29.18
C VAL D 443 26.58 20.76 -29.03
N LEU D 444 27.02 21.51 -28.00
CA LEU D 444 28.47 21.70 -27.83
C LEU D 444 29.16 20.45 -27.29
N CYS D 445 28.41 19.39 -26.95
CA CYS D 445 28.99 18.13 -26.51
C CYS D 445 29.02 17.07 -27.59
N TRP D 446 28.13 17.13 -28.60
CA TRP D 446 28.14 16.13 -29.66
C TRP D 446 28.41 16.65 -31.06
N PHE D 447 28.01 17.88 -31.39
CA PHE D 447 28.01 18.34 -32.78
C PHE D 447 29.38 18.46 -33.46
N PRO D 448 30.48 18.92 -32.82
CA PRO D 448 31.76 18.95 -33.58
C PRO D 448 32.30 17.58 -33.95
N PHE D 449 32.05 16.55 -33.15
CA PHE D 449 32.51 15.21 -33.52
C PHE D 449 31.75 14.67 -34.71
N PHE D 450 30.43 14.88 -34.75
CA PHE D 450 29.66 14.44 -35.91
C PHE D 450 29.94 15.30 -37.14
N PHE D 451 30.33 16.56 -36.94
CA PHE D 451 30.75 17.39 -38.07
C PHE D 451 32.05 16.89 -38.67
N SER D 452 33.04 16.56 -37.82
CA SER D 452 34.29 15.97 -38.30
C SER D 452 34.10 14.56 -38.84
N TYR D 453 33.07 13.85 -38.38
CA TYR D 453 32.79 12.51 -38.85
C TYR D 453 32.01 12.52 -40.16
N SER D 454 31.30 13.61 -40.44
CA SER D 454 30.53 13.73 -41.67
C SER D 454 31.28 14.45 -42.78
N LEU D 455 32.27 15.28 -42.45
CA LEU D 455 33.05 15.92 -43.50
C LEU D 455 34.01 14.93 -44.16
N GLY D 456 34.31 13.81 -43.51
CA GLY D 456 35.15 12.78 -44.09
C GLY D 456 34.49 11.93 -45.15
N ALA D 457 33.19 12.11 -45.39
CA ALA D 457 32.48 11.39 -46.43
C ALA D 457 31.89 12.29 -47.51
N ILE D 458 31.77 13.55 -47.12
CA ILE D 458 31.32 14.57 -48.00
C ILE D 458 32.56 14.83 -48.81
N CYS D 459 33.66 15.13 -48.12
CA CYS D 459 34.91 15.41 -48.81
C CYS D 459 36.12 14.64 -48.26
N PRO D 460 36.19 13.35 -48.60
CA PRO D 460 37.27 12.46 -48.20
C PRO D 460 38.63 13.09 -48.43
N CYS D 463 38.95 16.35 -47.13
CA CYS D 463 40.03 17.31 -47.35
C CYS D 463 40.82 17.65 -46.10
N LYS D 464 40.25 17.51 -44.90
CA LYS D 464 40.90 17.96 -43.67
C LYS D 464 40.95 16.82 -42.67
N VAL D 465 42.15 16.30 -42.43
CA VAL D 465 42.37 15.27 -41.41
C VAL D 465 43.51 15.70 -40.48
N PRO D 466 43.25 16.61 -39.53
CA PRO D 466 44.34 17.12 -38.68
C PRO D 466 44.77 16.13 -37.61
N HIS D 467 43.85 15.23 -37.20
CA HIS D 467 44.04 14.14 -36.23
C HIS D 467 44.35 14.65 -34.82
N GLY D 468 44.23 15.97 -34.60
CA GLY D 468 44.39 16.53 -33.27
C GLY D 468 43.06 16.84 -32.63
N LEU D 469 42.17 17.49 -33.40
CA LEU D 469 40.87 17.88 -32.85
C LEU D 469 39.90 16.72 -32.86
N PHE D 470 40.18 15.68 -33.65
CA PHE D 470 39.24 14.56 -33.79
C PHE D 470 39.16 13.74 -32.51
N GLN D 471 40.32 13.44 -31.90
CA GLN D 471 40.31 12.68 -30.66
C GLN D 471 39.77 13.51 -29.50
N PHE D 472 40.02 14.83 -29.51
CA PHE D 472 39.46 15.70 -28.49
C PHE D 472 37.93 15.76 -28.61
N PHE D 473 37.41 15.82 -29.84
CA PHE D 473 35.96 15.78 -30.04
C PHE D 473 35.39 14.41 -29.67
N PHE D 474 36.19 13.35 -29.81
CA PHE D 474 35.76 12.02 -29.41
C PHE D 474 35.63 11.91 -27.88
N TRP D 475 36.58 12.50 -27.15
CA TRP D 475 36.44 12.55 -25.69
C TRP D 475 35.30 13.47 -25.24
N ILE D 476 35.08 14.57 -25.94
CA ILE D 476 33.92 15.42 -25.66
C ILE D 476 32.62 14.65 -25.88
N GLY D 477 32.59 13.80 -26.92
CA GLY D 477 31.44 12.93 -27.11
C GLY D 477 31.29 11.90 -26.00
N TYR D 478 32.41 11.44 -25.43
CA TYR D 478 32.34 10.59 -24.25
C TYR D 478 31.77 11.32 -23.03
N CYS D 479 32.00 12.64 -22.94
CA CYS D 479 31.67 13.39 -21.72
C CYS D 479 30.18 13.47 -21.39
N ASN D 480 29.27 13.20 -22.34
CA ASN D 480 27.86 13.31 -22.00
C ASN D 480 27.39 12.14 -21.13
N SER D 481 28.09 11.01 -21.18
CA SER D 481 27.76 9.89 -20.30
C SER D 481 28.01 10.24 -18.83
N SER D 482 28.89 11.20 -18.57
CA SER D 482 29.06 11.80 -17.25
C SER D 482 28.14 12.99 -17.01
N LEU D 483 27.84 13.77 -18.05
CA LEU D 483 27.04 14.98 -17.86
C LEU D 483 25.54 14.73 -17.81
N ASN D 484 25.07 13.53 -18.13
CA ASN D 484 23.63 13.25 -18.10
C ASN D 484 22.96 13.30 -16.72
N PRO D 485 23.54 12.81 -15.59
CA PRO D 485 22.81 12.95 -14.32
C PRO D 485 22.71 14.37 -13.80
N VAL D 486 23.57 15.28 -14.26
CA VAL D 486 23.60 16.63 -13.72
C VAL D 486 22.42 17.44 -14.26
N ILE D 487 22.15 17.32 -15.57
CA ILE D 487 21.21 18.22 -16.23
C ILE D 487 19.77 17.86 -15.91
N TYR D 488 19.40 16.59 -16.11
CA TYR D 488 18.00 16.17 -16.08
C TYR D 488 17.48 15.86 -14.69
N THR D 489 18.26 16.12 -13.64
CA THR D 489 17.83 15.82 -12.28
C THR D 489 17.79 17.04 -11.36
N ILE D 490 18.73 17.98 -11.50
CA ILE D 490 18.84 19.06 -10.53
C ILE D 490 17.77 20.13 -10.72
N PHE D 491 17.04 20.10 -11.84
CA PHE D 491 16.04 21.11 -12.14
C PHE D 491 14.66 20.77 -11.59
N ASN D 492 14.54 19.68 -10.83
CA ASN D 492 13.26 19.24 -10.29
C ASN D 492 13.35 19.21 -8.76
N GLN D 493 12.22 19.47 -8.10
CA GLN D 493 12.20 19.47 -6.64
C GLN D 493 12.23 18.05 -6.08
N ASP D 494 11.62 17.11 -6.80
CA ASP D 494 11.50 15.74 -6.30
C ASP D 494 12.84 15.02 -6.30
N PHE D 495 13.64 15.21 -7.36
CA PHE D 495 14.95 14.58 -7.42
C PHE D 495 15.91 15.19 -6.41
N ARG D 496 15.79 16.51 -6.17
CA ARG D 496 16.63 17.15 -5.16
C ARG D 496 16.23 16.69 -3.75
N ARG D 497 14.94 16.49 -3.52
CA ARG D 497 14.49 15.97 -2.23
C ARG D 497 14.94 14.53 -2.04
N ALA D 498 14.94 13.74 -3.11
CA ALA D 498 15.43 12.36 -3.03
C ALA D 498 16.93 12.32 -2.77
N PHE D 499 17.69 13.20 -3.43
CA PHE D 499 19.13 13.28 -3.20
C PHE D 499 19.43 13.74 -1.78
N ARG D 500 18.60 14.65 -1.25
CA ARG D 500 18.79 15.12 0.12
C ARG D 500 18.49 14.02 1.14
N ARG D 501 17.43 13.24 0.92
CA ARG D 501 17.11 12.19 1.89
C ARG D 501 18.06 11.00 1.75
N ILE D 502 18.70 10.85 0.59
CA ILE D 502 19.76 9.85 0.49
C ILE D 502 21.03 10.32 1.20
N LEU D 503 21.48 11.55 0.92
CA LEU D 503 22.75 12.04 1.43
C LEU D 503 22.66 12.61 2.84
N CYS D 504 21.49 12.60 3.49
CA CYS D 504 21.40 13.03 4.89
C CYS D 504 21.43 11.87 5.88
N ARG D 505 21.22 10.64 5.41
CA ARG D 505 21.21 9.51 6.34
C ARG D 505 22.59 9.09 6.86
N PRO D 506 23.71 9.09 6.07
CA PRO D 506 25.02 8.92 6.72
C PRO D 506 25.41 10.10 7.59
N TRP D 507 25.05 11.30 7.16
CA TRP D 507 25.35 12.50 7.93
C TRP D 507 24.20 12.86 8.86
N ASP E 39 -22.02 -27.49 -1.75
CA ASP E 39 -22.79 -26.56 -2.59
C ASP E 39 -22.15 -26.40 -3.96
N VAL E 40 -20.83 -26.54 -4.00
CA VAL E 40 -20.11 -26.44 -5.28
C VAL E 40 -20.31 -27.70 -6.09
N GLN E 41 -20.07 -27.58 -7.40
CA GLN E 41 -20.26 -28.69 -8.32
C GLN E 41 -19.03 -28.83 -9.21
N LEU E 42 -18.67 -30.07 -9.51
CA LEU E 42 -17.59 -30.40 -10.42
C LEU E 42 -18.15 -31.33 -11.50
N VAL E 43 -18.06 -30.90 -12.75
CA VAL E 43 -18.68 -31.57 -13.88
C VAL E 43 -17.61 -32.32 -14.66
N GLU E 44 -17.84 -33.61 -14.90
CA GLU E 44 -16.92 -34.42 -15.69
C GLU E 44 -17.69 -35.15 -16.79
N SER E 45 -17.04 -36.09 -17.46
CA SER E 45 -17.65 -36.82 -18.56
C SER E 45 -17.09 -38.24 -18.56
N GLY E 46 -17.32 -38.96 -19.66
CA GLY E 46 -16.83 -40.33 -19.77
C GLY E 46 -16.76 -40.76 -21.21
N GLY E 47 -16.16 -41.93 -21.41
CA GLY E 47 -16.01 -42.46 -22.75
C GLY E 47 -15.90 -43.97 -22.73
N GLY E 48 -15.41 -44.53 -23.83
CA GLY E 48 -15.26 -45.95 -23.99
C GLY E 48 -13.82 -46.41 -23.83
N LEU E 49 -13.63 -47.72 -23.99
CA LEU E 49 -12.31 -48.31 -23.91
C LEU E 49 -11.48 -47.94 -25.13
N VAL E 50 -10.19 -47.69 -24.89
CA VAL E 50 -9.27 -47.18 -25.90
C VAL E 50 -8.15 -48.21 -26.09
N GLN E 51 -7.87 -48.55 -27.35
CA GLN E 51 -6.77 -49.44 -27.66
C GLN E 51 -5.44 -48.75 -27.36
N PRO E 52 -4.39 -49.53 -27.00
CA PRO E 52 -3.07 -48.91 -26.73
C PRO E 52 -2.45 -48.26 -27.95
N GLY E 53 -2.30 -46.93 -27.90
CA GLY E 53 -1.78 -46.18 -29.02
C GLY E 53 -2.68 -45.04 -29.44
N GLY E 54 -3.59 -44.64 -28.55
CA GLY E 54 -4.55 -43.59 -28.84
C GLY E 54 -4.15 -42.24 -28.24
N SER E 55 -4.99 -41.25 -28.51
CA SER E 55 -4.76 -39.88 -28.05
C SER E 55 -6.11 -39.20 -27.87
N ARG E 56 -6.40 -38.77 -26.64
CA ARG E 56 -7.70 -38.15 -26.35
C ARG E 56 -7.48 -36.92 -25.49
N LYS E 57 -8.60 -36.30 -25.10
CA LYS E 57 -8.62 -35.11 -24.26
C LYS E 57 -9.76 -35.23 -23.26
N LEU E 58 -9.46 -34.97 -21.99
CA LEU E 58 -10.45 -35.00 -20.92
C LEU E 58 -10.68 -33.60 -20.39
N SER E 59 -11.88 -33.37 -19.85
CA SER E 59 -12.29 -32.05 -19.40
C SER E 59 -12.85 -32.12 -17.98
N CYS E 60 -12.55 -31.08 -17.21
CA CYS E 60 -13.09 -30.92 -15.85
C CYS E 60 -13.63 -29.51 -15.71
N SER E 61 -14.92 -29.38 -15.46
CA SER E 61 -15.55 -28.08 -15.25
C SER E 61 -15.85 -27.86 -13.78
N ALA E 62 -15.84 -26.59 -13.36
CA ALA E 62 -16.05 -26.23 -11.97
C ALA E 62 -17.12 -25.15 -11.87
N SER E 63 -17.89 -25.19 -10.77
CA SER E 63 -18.87 -24.17 -10.49
C SER E 63 -19.07 -24.06 -9.00
N GLY E 64 -19.38 -22.86 -8.52
CA GLY E 64 -19.60 -22.58 -7.13
C GLY E 64 -18.47 -21.84 -6.44
N PHE E 65 -17.31 -21.73 -7.09
CA PHE E 65 -16.18 -21.00 -6.52
C PHE E 65 -15.34 -20.46 -7.66
N ALA E 66 -14.42 -19.56 -7.31
CA ALA E 66 -13.54 -18.95 -8.31
C ALA E 66 -12.47 -19.96 -8.73
N PHE E 67 -12.45 -20.31 -10.00
CA PHE E 67 -11.55 -21.33 -10.51
C PHE E 67 -10.13 -20.82 -10.76
N SER E 68 -9.95 -19.51 -10.84
CA SER E 68 -8.64 -18.95 -11.23
C SER E 68 -7.63 -19.04 -10.09
N SER E 69 -8.09 -18.97 -8.85
CA SER E 69 -7.21 -18.89 -7.70
C SER E 69 -6.88 -20.25 -7.10
N PHE E 70 -7.07 -21.34 -7.84
CA PHE E 70 -6.76 -22.69 -7.39
C PHE E 70 -5.89 -23.39 -8.42
N GLY E 71 -4.76 -23.93 -7.98
CA GLY E 71 -4.02 -24.85 -8.82
C GLY E 71 -4.75 -26.17 -8.96
N MET E 72 -4.42 -26.91 -10.00
CA MET E 72 -5.15 -28.12 -10.36
C MET E 72 -4.24 -29.33 -10.46
N HIS E 73 -4.59 -30.37 -9.71
CA HIS E 73 -3.95 -31.68 -9.71
C HIS E 73 -4.77 -32.68 -10.52
N TRP E 74 -4.07 -33.69 -11.03
CA TRP E 74 -4.69 -34.89 -11.59
C TRP E 74 -4.23 -36.09 -10.76
N VAL E 75 -5.19 -36.77 -10.14
CA VAL E 75 -4.90 -37.95 -9.31
C VAL E 75 -5.47 -39.17 -10.02
N ARG E 76 -4.62 -40.15 -10.28
CA ARG E 76 -5.01 -41.36 -11.00
C ARG E 76 -5.07 -42.53 -10.01
N GLN E 77 -6.22 -43.17 -9.93
CA GLN E 77 -6.44 -44.31 -9.05
C GLN E 77 -6.53 -45.58 -9.88
N ALA E 78 -5.56 -46.47 -9.68
CA ALA E 78 -5.61 -47.79 -10.30
C ALA E 78 -6.71 -48.62 -9.65
N PRO E 79 -7.23 -49.64 -10.36
CA PRO E 79 -8.20 -50.56 -9.74
C PRO E 79 -7.61 -51.43 -8.62
N GLU E 80 -6.29 -51.46 -8.46
CA GLU E 80 -5.64 -52.17 -7.34
C GLU E 80 -5.43 -51.26 -6.14
N LYS E 81 -6.30 -50.25 -5.95
CA LYS E 81 -6.47 -49.41 -4.76
C LYS E 81 -5.34 -48.39 -4.57
N GLY E 82 -4.25 -48.52 -5.32
CA GLY E 82 -3.11 -47.64 -5.16
C GLY E 82 -3.24 -46.30 -5.87
N LEU E 83 -3.23 -45.22 -5.09
CA LEU E 83 -3.29 -43.88 -5.66
C LEU E 83 -1.93 -43.48 -6.24
N GLU E 84 -1.97 -42.68 -7.29
CA GLU E 84 -0.77 -42.12 -7.89
C GLU E 84 -1.11 -40.81 -8.57
N TRP E 85 -0.08 -40.01 -8.83
CA TRP E 85 -0.22 -38.63 -9.28
C TRP E 85 0.23 -38.49 -10.74
N VAL E 86 -0.47 -37.62 -11.47
CA VAL E 86 -0.17 -37.40 -12.88
C VAL E 86 0.48 -36.03 -13.09
N ALA E 87 -0.25 -34.96 -12.77
CA ALA E 87 0.21 -33.63 -13.16
C ALA E 87 -0.37 -32.57 -12.26
N TYR E 88 0.27 -31.40 -12.28
CA TYR E 88 -0.20 -30.21 -11.57
C TYR E 88 0.07 -28.97 -12.42
N ILE E 89 -0.94 -28.10 -12.50
CA ILE E 89 -0.81 -26.78 -13.11
C ILE E 89 -1.10 -25.74 -12.03
N SER E 90 -0.41 -24.61 -12.09
CA SER E 90 -0.50 -23.58 -11.06
C SER E 90 -1.63 -22.62 -11.40
N SER E 91 -1.72 -21.51 -10.65
CA SER E 91 -2.78 -20.53 -10.86
C SER E 91 -2.42 -19.56 -11.99
N GLY E 92 -1.22 -19.01 -11.95
CA GLY E 92 -0.75 -18.05 -12.94
C GLY E 92 -0.18 -18.65 -14.21
N SER E 93 -0.40 -19.95 -14.45
CA SER E 93 0.05 -20.68 -15.64
C SER E 93 1.56 -20.60 -15.85
N GLY E 94 2.32 -20.59 -14.76
CA GLY E 94 3.77 -20.51 -14.82
C GLY E 94 4.49 -21.68 -14.18
N THR E 95 3.77 -22.71 -13.74
CA THR E 95 4.39 -23.87 -13.09
C THR E 95 3.61 -25.11 -13.47
N ILE E 96 4.26 -26.02 -14.20
CA ILE E 96 3.66 -27.28 -14.63
C ILE E 96 4.56 -28.41 -14.15
N TYR E 97 4.03 -29.26 -13.28
CA TYR E 97 4.79 -30.36 -12.69
C TYR E 97 4.21 -31.70 -13.11
N TYR E 98 5.11 -32.65 -13.39
CA TYR E 98 4.76 -34.04 -13.65
C TYR E 98 5.57 -34.94 -12.73
N ALA E 99 5.33 -36.25 -12.84
CA ALA E 99 6.10 -37.24 -12.11
C ALA E 99 7.20 -37.81 -12.99
N ASP E 100 7.84 -38.88 -12.53
CA ASP E 100 8.98 -39.44 -13.23
C ASP E 100 8.55 -40.21 -14.48
N THR E 101 7.60 -41.14 -14.32
CA THR E 101 7.13 -41.98 -15.42
C THR E 101 5.94 -41.38 -16.15
N VAL E 102 5.78 -40.05 -16.10
CA VAL E 102 4.62 -39.38 -16.67
C VAL E 102 4.98 -38.41 -17.79
N LYS E 103 6.18 -37.82 -17.77
CA LYS E 103 6.58 -36.71 -18.62
C LYS E 103 6.59 -37.10 -20.10
N GLY E 104 6.55 -36.07 -20.96
CA GLY E 104 6.70 -36.24 -22.38
C GLY E 104 5.42 -36.34 -23.20
N ARG E 105 4.58 -37.35 -22.91
CA ARG E 105 3.42 -37.64 -23.73
CA ARG E 105 3.42 -37.64 -23.73
C ARG E 105 2.13 -37.01 -23.21
N PHE E 106 2.16 -36.32 -22.07
CA PHE E 106 0.96 -35.71 -21.50
C PHE E 106 1.06 -34.19 -21.56
N THR E 107 -0.10 -33.54 -21.68
CA THR E 107 -0.17 -32.09 -21.81
C THR E 107 -1.38 -31.59 -21.01
N ILE E 108 -1.19 -30.52 -20.25
CA ILE E 108 -2.25 -29.95 -19.42
C ILE E 108 -2.49 -28.51 -19.86
N SER E 109 -3.74 -28.07 -19.80
CA SER E 109 -4.09 -26.69 -20.11
C SER E 109 -5.36 -26.32 -19.34
N ARG E 110 -5.64 -25.03 -19.25
CA ARG E 110 -6.82 -24.57 -18.54
C ARG E 110 -7.38 -23.32 -19.21
N ASP E 111 -8.69 -23.12 -19.07
CA ASP E 111 -9.39 -21.98 -19.64
C ASP E 111 -10.22 -21.36 -18.51
N ASP E 112 -9.78 -20.20 -18.03
CA ASP E 112 -10.38 -19.52 -16.88
C ASP E 112 -11.69 -18.77 -17.16
N PRO E 113 -11.89 -18.10 -18.32
CA PRO E 113 -13.25 -17.62 -18.59
C PRO E 113 -14.25 -18.73 -18.85
N LYS E 114 -13.79 -19.89 -19.34
CA LYS E 114 -14.66 -21.03 -19.55
C LYS E 114 -14.76 -21.91 -18.29
N ASN E 115 -13.82 -21.72 -17.34
CA ASN E 115 -13.73 -22.47 -16.09
C ASN E 115 -13.59 -23.97 -16.34
N THR E 116 -12.71 -24.32 -17.26
CA THR E 116 -12.49 -25.72 -17.64
C THR E 116 -11.00 -26.07 -17.56
N LEU E 117 -10.75 -27.36 -17.39
CA LEU E 117 -9.41 -27.92 -17.31
C LEU E 117 -9.31 -29.02 -18.37
N PHE E 118 -8.38 -28.86 -19.31
CA PHE E 118 -8.20 -29.82 -20.40
C PHE E 118 -6.92 -30.63 -20.17
N LEU E 119 -7.01 -31.93 -20.42
CA LEU E 119 -5.87 -32.84 -20.30
C LEU E 119 -5.77 -33.65 -21.59
N GLN E 120 -4.73 -33.36 -22.38
CA GLN E 120 -4.46 -34.09 -23.62
C GLN E 120 -3.47 -35.22 -23.33
N MET E 121 -3.89 -36.45 -23.61
CA MET E 121 -3.05 -37.62 -23.44
C MET E 121 -2.78 -38.26 -24.79
N THR E 122 -1.49 -38.46 -25.09
CA THR E 122 -1.06 -39.09 -26.33
C THR E 122 -0.26 -40.35 -26.01
N SER E 123 -0.29 -41.29 -26.97
CA SER E 123 0.43 -42.57 -26.93
C SER E 123 0.06 -43.38 -25.68
N LEU E 124 -1.23 -43.74 -25.62
CA LEU E 124 -1.74 -44.48 -24.49
C LEU E 124 -1.27 -45.93 -24.53
N ARG E 125 -1.22 -46.54 -23.34
CA ARG E 125 -0.82 -47.93 -23.21
C ARG E 125 -1.87 -48.73 -22.46
N SER E 126 -1.57 -49.98 -22.13
CA SER E 126 -2.49 -50.85 -21.40
C SER E 126 -2.20 -50.88 -19.91
N GLU E 127 -1.30 -50.04 -19.42
CA GLU E 127 -0.97 -49.96 -18.00
C GLU E 127 -1.12 -48.58 -17.41
N ASP E 128 -1.64 -47.61 -18.17
CA ASP E 128 -1.78 -46.24 -17.72
C ASP E 128 -3.22 -45.75 -17.86
N THR E 129 -4.18 -46.67 -17.85
CA THR E 129 -5.59 -46.35 -17.99
C THR E 129 -6.33 -46.79 -16.74
N ALA E 130 -6.97 -45.85 -16.06
CA ALA E 130 -7.47 -46.10 -14.71
C ALA E 130 -8.59 -45.12 -14.40
N MET E 131 -8.93 -44.98 -13.12
CA MET E 131 -9.83 -43.93 -12.66
C MET E 131 -9.06 -42.61 -12.56
N TYR E 132 -9.73 -41.51 -12.89
CA TYR E 132 -9.08 -40.21 -12.83
C TYR E 132 -9.83 -39.29 -11.87
N TYR E 133 -9.14 -38.24 -11.43
CA TYR E 133 -9.71 -37.24 -10.54
C TYR E 133 -9.06 -35.89 -10.82
N CYS E 134 -9.89 -34.87 -11.04
CA CYS E 134 -9.44 -33.49 -11.14
C CYS E 134 -9.61 -32.81 -9.79
N VAL E 135 -8.55 -32.16 -9.32
CA VAL E 135 -8.44 -31.72 -7.93
C VAL E 135 -8.11 -30.23 -7.90
N ARG E 136 -8.86 -29.46 -7.12
CA ARG E 136 -8.48 -28.09 -6.80
C ARG E 136 -7.61 -28.08 -5.54
N SER E 137 -6.62 -27.19 -5.50
CA SER E 137 -5.72 -27.09 -4.37
C SER E 137 -5.11 -25.69 -4.33
N ILE E 138 -5.06 -25.10 -3.15
CA ILE E 138 -4.48 -23.78 -2.95
C ILE E 138 -3.37 -23.89 -1.90
N TYR E 139 -2.33 -23.07 -2.05
CA TYR E 139 -1.13 -23.18 -1.23
C TYR E 139 -0.81 -21.82 -0.61
N TYR E 140 -1.24 -21.63 0.64
CA TYR E 140 -0.84 -20.48 1.44
C TYR E 140 -0.79 -20.92 2.90
N TYR E 141 -0.51 -19.97 3.79
CA TYR E 141 -0.41 -20.28 5.21
C TYR E 141 -1.80 -20.34 5.84
N GLY E 142 -2.16 -21.50 6.38
CA GLY E 142 -3.49 -21.71 6.89
C GLY E 142 -4.46 -22.24 5.86
N SER E 143 -3.97 -22.93 4.84
CA SER E 143 -4.77 -23.46 3.76
C SER E 143 -4.96 -24.96 3.93
N SER E 144 -5.82 -25.53 3.07
CA SER E 144 -6.10 -26.96 3.06
C SER E 144 -5.93 -27.49 1.65
N PRO E 145 -4.75 -27.97 1.30
CA PRO E 145 -4.58 -28.65 0.00
C PRO E 145 -5.31 -29.99 -0.01
N PHE E 146 -5.80 -30.34 -1.20
CA PHE E 146 -6.52 -31.61 -1.46
C PHE E 146 -7.76 -31.74 -0.57
N ASP E 147 -8.50 -30.64 -0.44
CA ASP E 147 -9.62 -30.57 0.50
C ASP E 147 -10.95 -31.02 -0.08
N PHE E 148 -11.10 -31.00 -1.41
CA PHE E 148 -12.36 -31.40 -2.04
C PHE E 148 -12.05 -31.88 -3.44
N TRP E 149 -12.37 -33.14 -3.73
CA TRP E 149 -12.09 -33.72 -5.02
C TRP E 149 -13.38 -33.87 -5.83
N GLY E 150 -13.28 -34.46 -7.01
CA GLY E 150 -14.43 -34.58 -7.88
C GLY E 150 -14.76 -36.00 -8.27
N GLN E 151 -15.66 -36.15 -9.25
CA GLN E 151 -16.03 -37.48 -9.72
C GLN E 151 -14.92 -38.08 -10.58
N GLY E 152 -14.64 -37.46 -11.72
CA GLY E 152 -13.59 -37.90 -12.61
C GLY E 152 -14.10 -38.77 -13.74
N THR E 153 -13.14 -39.40 -14.42
CA THR E 153 -13.41 -40.22 -15.59
C THR E 153 -12.92 -41.65 -15.37
N THR E 154 -13.39 -42.55 -16.22
CA THR E 154 -13.00 -43.96 -16.22
C THR E 154 -12.34 -44.24 -17.56
N LEU E 155 -11.13 -44.80 -17.54
CA LEU E 155 -10.46 -45.20 -18.78
C LEU E 155 -9.92 -46.61 -18.60
N THR E 156 -10.37 -47.54 -19.44
CA THR E 156 -9.97 -48.94 -19.37
C THR E 156 -9.46 -49.40 -20.73
N VAL E 157 -8.79 -50.55 -20.72
CA VAL E 157 -8.32 -51.20 -21.94
C VAL E 157 -8.82 -52.63 -21.95
N SER E 158 -8.69 -53.27 -23.12
CA SER E 158 -9.05 -54.66 -23.38
C SER E 158 -10.52 -55.00 -23.05
N SER E 174 13.98 -42.72 -8.36
CA SER E 174 13.85 -43.16 -6.98
C SER E 174 13.08 -42.13 -6.15
N ASP E 175 11.84 -42.46 -5.81
CA ASP E 175 11.00 -41.58 -5.02
C ASP E 175 11.25 -41.83 -3.53
N ILE E 176 10.43 -41.23 -2.68
CA ILE E 176 10.54 -41.40 -1.24
C ILE E 176 9.69 -42.59 -0.82
N VAL E 177 10.31 -43.56 -0.15
CA VAL E 177 9.66 -44.81 0.21
C VAL E 177 8.78 -44.60 1.42
N MET E 178 7.51 -44.96 1.30
CA MET E 178 6.55 -44.91 2.40
C MET E 178 6.07 -46.31 2.74
N THR E 179 5.67 -46.50 3.99
CA THR E 179 5.26 -47.79 4.51
C THR E 179 3.81 -47.73 4.98
N GLN E 180 2.98 -48.61 4.44
CA GLN E 180 1.59 -48.75 4.86
C GLN E 180 1.28 -50.24 4.99
N ALA E 181 1.25 -50.73 6.23
CA ALA E 181 1.03 -52.14 6.51
C ALA E 181 0.53 -52.26 7.95
N THR E 182 -0.48 -53.09 8.19
CA THR E 182 -1.14 -53.94 7.19
C THR E 182 -2.63 -53.57 7.17
N SER E 183 -3.26 -53.61 5.99
CA SER E 183 -4.64 -53.17 5.85
C SER E 183 -5.66 -54.22 6.28
N SER E 184 -5.53 -54.72 7.52
CA SER E 184 -6.53 -55.61 8.10
C SER E 184 -6.48 -55.43 9.61
N VAL E 185 -7.36 -54.56 10.14
CA VAL E 185 -7.41 -54.28 11.57
C VAL E 185 -8.85 -54.46 12.04
N PRO E 186 -9.12 -55.35 12.99
CA PRO E 186 -10.49 -55.49 13.51
C PRO E 186 -10.87 -54.32 14.42
N VAL E 187 -11.97 -53.66 14.10
CA VAL E 187 -12.47 -52.55 14.90
C VAL E 187 -13.93 -52.81 15.24
N THR E 188 -14.34 -52.28 16.39
CA THR E 188 -15.71 -52.30 16.88
C THR E 188 -16.13 -50.86 17.12
N PRO E 189 -17.45 -50.59 17.25
CA PRO E 189 -17.86 -49.23 17.62
C PRO E 189 -17.50 -48.89 19.06
N GLY E 190 -16.25 -48.47 19.27
CA GLY E 190 -15.74 -48.18 20.60
C GLY E 190 -14.27 -48.53 20.76
N GLU E 191 -13.70 -49.18 19.75
CA GLU E 191 -12.30 -49.59 19.77
C GLU E 191 -11.43 -48.57 19.04
N SER E 192 -10.28 -48.27 19.61
CA SER E 192 -9.32 -47.36 18.99
C SER E 192 -8.49 -48.08 17.94
N VAL E 193 -7.70 -47.32 17.19
CA VAL E 193 -6.86 -47.87 16.14
C VAL E 193 -5.62 -46.99 16.00
N SER E 194 -4.49 -47.61 15.66
CA SER E 194 -3.22 -46.92 15.47
C SER E 194 -2.70 -47.30 14.08
N ILE E 195 -2.98 -46.45 13.09
CA ILE E 195 -2.59 -46.72 11.72
C ILE E 195 -1.12 -46.41 11.55
N SER E 196 -0.36 -47.38 11.03
CA SER E 196 1.08 -47.23 10.88
C SER E 196 1.40 -46.58 9.54
N CYS E 197 2.07 -45.43 9.58
CA CYS E 197 2.58 -44.76 8.39
C CYS E 197 3.92 -44.14 8.74
N ARG E 198 5.00 -44.84 8.41
CA ARG E 198 6.36 -44.42 8.75
C ARG E 198 7.09 -43.99 7.49
N SER E 199 7.78 -42.86 7.57
CA SER E 199 8.55 -42.33 6.46
C SER E 199 10.04 -42.63 6.65
N SER E 200 10.81 -42.36 5.61
CA SER E 200 12.26 -42.53 5.63
C SER E 200 13.00 -41.20 5.75
N LYS E 201 12.67 -40.24 4.88
CA LYS E 201 13.29 -38.92 4.97
C LYS E 201 12.64 -38.13 6.09
N SER E 202 13.48 -37.44 6.88
CA SER E 202 12.99 -36.64 8.00
C SER E 202 12.25 -35.41 7.48
N LEU E 203 11.02 -35.23 7.96
CA LEU E 203 10.17 -34.12 7.52
C LEU E 203 10.36 -32.87 8.37
N LEU E 204 11.38 -32.84 9.22
CA LEU E 204 11.65 -31.67 10.07
C LEU E 204 12.50 -30.70 9.26
N HIS E 205 11.86 -29.67 8.72
CA HIS E 205 12.52 -28.69 7.86
C HIS E 205 12.99 -27.47 8.65
N SER E 206 12.78 -27.46 9.98
CA SER E 206 12.86 -26.26 10.83
C SER E 206 12.02 -25.13 10.25
N ASN E 207 10.80 -25.47 9.85
CA ASN E 207 9.85 -24.58 9.20
C ASN E 207 8.76 -24.01 10.13
N GLY E 208 7.96 -24.81 10.88
CA GLY E 208 8.06 -26.23 11.21
C GLY E 208 6.89 -27.10 10.79
N ASN E 209 6.35 -26.86 9.60
CA ASN E 209 5.24 -27.65 9.10
C ASN E 209 5.71 -29.04 8.67
N THR E 210 4.98 -30.06 9.11
CA THR E 210 5.22 -31.44 8.73
C THR E 210 4.15 -31.85 7.73
N TYR E 211 4.58 -32.15 6.50
CA TYR E 211 3.65 -32.27 5.37
C TYR E 211 3.24 -33.73 5.15
N LEU E 212 2.33 -34.20 5.99
CA LEU E 212 1.68 -35.49 5.81
C LEU E 212 0.18 -35.28 5.81
N TYR E 213 -0.51 -35.99 4.93
CA TYR E 213 -1.94 -35.79 4.70
C TYR E 213 -2.67 -37.11 4.88
N TRP E 214 -3.67 -37.12 5.77
CA TRP E 214 -4.51 -38.28 5.99
C TRP E 214 -5.83 -38.11 5.22
N PHE E 215 -6.13 -39.09 4.37
CA PHE E 215 -7.32 -39.13 3.54
C PHE E 215 -8.19 -40.32 3.92
N LEU E 216 -9.51 -40.15 3.81
CA LEU E 216 -10.47 -41.24 3.96
C LEU E 216 -11.19 -41.46 2.65
N GLN E 217 -11.24 -42.72 2.20
CA GLN E 217 -12.02 -43.11 1.03
C GLN E 217 -13.23 -43.91 1.50
N ARG E 218 -14.42 -43.33 1.33
CA ARG E 218 -15.64 -44.06 1.60
C ARG E 218 -15.97 -45.00 0.44
N PRO E 219 -16.60 -46.14 0.71
CA PRO E 219 -16.94 -47.07 -0.37
C PRO E 219 -18.11 -46.56 -1.20
N GLY E 220 -17.87 -46.38 -2.51
CA GLY E 220 -18.89 -45.98 -3.46
C GLY E 220 -18.71 -44.57 -4.00
N GLN E 221 -18.07 -43.69 -3.23
CA GLN E 221 -17.95 -42.30 -3.65
C GLN E 221 -16.50 -41.82 -3.64
N SER E 222 -16.30 -40.52 -3.85
CA SER E 222 -14.96 -39.97 -3.93
C SER E 222 -14.33 -39.84 -2.55
N PRO E 223 -13.01 -40.02 -2.44
CA PRO E 223 -12.35 -39.86 -1.14
C PRO E 223 -12.24 -38.39 -0.73
N GLN E 224 -12.10 -38.18 0.58
CA GLN E 224 -12.05 -36.85 1.16
C GLN E 224 -10.87 -36.73 2.10
N LEU E 225 -10.50 -35.48 2.41
CA LEU E 225 -9.40 -35.20 3.32
C LEU E 225 -9.86 -35.32 4.76
N LEU E 226 -8.98 -35.85 5.61
CA LEU E 226 -9.18 -35.84 7.05
C LEU E 226 -8.21 -34.89 7.75
N ILE E 227 -6.91 -35.08 7.57
CA ILE E 227 -5.91 -34.36 8.33
C ILE E 227 -4.93 -33.71 7.35
N TYR E 228 -4.72 -32.41 7.49
CA TYR E 228 -3.76 -31.68 6.67
C TYR E 228 -2.68 -31.08 7.56
N ARG E 229 -1.42 -31.22 7.12
CA ARG E 229 -0.22 -30.75 7.82
C ARG E 229 -0.07 -31.36 9.22
N MET E 230 -0.56 -32.60 9.37
CA MET E 230 -0.27 -33.59 10.40
C MET E 230 -0.91 -33.23 11.76
N SER E 231 -1.42 -32.02 11.96
CA SER E 231 -1.97 -31.68 13.27
C SER E 231 -3.23 -30.82 13.20
N ASN E 232 -3.75 -30.51 12.03
CA ASN E 232 -4.93 -29.67 11.92
C ASN E 232 -6.17 -30.53 11.73
N LEU E 233 -7.30 -29.90 11.45
CA LEU E 233 -8.56 -30.60 11.21
C LEU E 233 -9.26 -29.94 10.04
N ALA E 234 -9.71 -30.76 9.08
CA ALA E 234 -10.36 -30.24 7.89
C ALA E 234 -11.78 -29.75 8.21
N SER E 235 -12.31 -28.93 7.31
CA SER E 235 -13.65 -28.39 7.48
C SER E 235 -14.69 -29.46 7.18
N GLY E 236 -15.57 -29.72 8.15
CA GLY E 236 -16.58 -30.74 7.99
C GLY E 236 -16.16 -32.12 8.44
N VAL E 237 -15.12 -32.22 9.26
CA VAL E 237 -14.62 -33.50 9.75
C VAL E 237 -14.72 -33.49 11.27
N PRO E 238 -15.25 -34.55 11.90
CA PRO E 238 -15.35 -34.58 13.37
C PRO E 238 -13.98 -34.65 14.03
N ASP E 239 -13.99 -34.41 15.35
CA ASP E 239 -12.77 -34.31 16.15
C ASP E 239 -12.29 -35.65 16.70
N ARG E 240 -12.66 -36.77 16.07
CA ARG E 240 -12.18 -38.07 16.48
C ARG E 240 -10.82 -38.40 15.91
N PHE E 241 -10.35 -37.66 14.91
CA PHE E 241 -9.11 -37.99 14.21
C PHE E 241 -7.96 -37.17 14.80
N SER E 242 -7.57 -37.56 16.02
CA SER E 242 -6.49 -36.90 16.73
C SER E 242 -5.16 -37.52 16.31
N GLY E 243 -4.45 -36.84 15.41
CA GLY E 243 -3.18 -37.32 14.89
C GLY E 243 -2.03 -36.49 15.42
N SER E 244 -0.88 -37.12 15.58
CA SER E 244 0.32 -36.47 16.07
C SER E 244 1.54 -37.24 15.58
N GLY E 245 2.71 -36.85 16.04
CA GLY E 245 3.95 -37.51 15.66
C GLY E 245 5.13 -36.59 15.86
N SER E 246 6.30 -37.09 15.45
CA SER E 246 7.54 -36.34 15.60
C SER E 246 8.54 -36.86 14.57
N GLY E 247 8.88 -36.00 13.60
CA GLY E 247 10.04 -36.19 12.76
C GLY E 247 9.92 -37.32 11.77
N THR E 248 9.95 -38.54 12.30
CA THR E 248 9.78 -39.78 11.55
C THR E 248 8.54 -40.55 11.98
N ALA E 249 8.26 -40.58 13.28
CA ALA E 249 7.14 -41.35 13.79
C ALA E 249 5.84 -40.58 13.64
N PHE E 250 4.75 -41.33 13.40
CA PHE E 250 3.43 -40.74 13.24
C PHE E 250 2.41 -41.66 13.91
N THR E 251 1.32 -41.06 14.38
CA THR E 251 0.28 -41.80 15.08
C THR E 251 -1.07 -41.15 14.79
N LEU E 252 -2.04 -41.94 14.35
CA LEU E 252 -3.40 -41.46 14.09
C LEU E 252 -4.33 -42.15 15.08
N THR E 253 -4.64 -41.47 16.18
CA THR E 253 -5.51 -42.01 17.21
C THR E 253 -6.96 -41.69 16.87
N ILE E 254 -7.77 -42.74 16.68
CA ILE E 254 -9.18 -42.59 16.36
C ILE E 254 -9.95 -43.24 17.50
N SER E 255 -10.40 -42.43 18.44
CA SER E 255 -11.11 -42.91 19.62
C SER E 255 -12.61 -42.68 19.48
N ARG E 256 -13.38 -43.51 20.20
CA ARG E 256 -14.84 -43.51 20.21
C ARG E 256 -15.41 -43.68 18.81
N LEU E 257 -15.12 -44.85 18.23
CA LEU E 257 -15.44 -45.11 16.84
C LEU E 257 -16.94 -45.36 16.66
N GLU E 258 -17.45 -44.98 15.49
CA GLU E 258 -18.81 -45.23 15.08
C GLU E 258 -18.79 -45.82 13.68
N ALA E 259 -19.63 -46.83 13.44
CA ALA E 259 -19.63 -47.57 12.18
C ALA E 259 -20.40 -46.82 11.09
N GLU E 260 -19.90 -45.63 10.75
CA GLU E 260 -20.44 -44.83 9.66
C GLU E 260 -19.38 -44.23 8.75
N ASP E 261 -18.11 -44.28 9.14
CA ASP E 261 -17.03 -43.68 8.35
C ASP E 261 -15.93 -44.68 8.03
N VAL E 262 -16.29 -45.94 7.77
CA VAL E 262 -15.31 -46.96 7.42
C VAL E 262 -14.88 -46.74 5.97
N GLY E 263 -13.61 -47.02 5.68
CA GLY E 263 -13.10 -46.83 4.34
C GLY E 263 -11.62 -47.15 4.27
N VAL E 264 -10.94 -46.54 3.31
CA VAL E 264 -9.52 -46.74 3.09
C VAL E 264 -8.77 -45.49 3.55
N TYR E 265 -7.80 -45.67 4.43
CA TYR E 265 -7.03 -44.57 4.99
C TYR E 265 -5.72 -44.42 4.22
N TYR E 266 -5.53 -43.25 3.61
CA TYR E 266 -4.31 -42.95 2.89
C TYR E 266 -3.47 -41.95 3.67
N CYS E 267 -2.15 -42.10 3.59
CA CYS E 267 -1.21 -41.11 4.10
C CYS E 267 -0.30 -40.68 2.96
N MET E 268 -0.23 -39.37 2.73
CA MET E 268 0.48 -38.80 1.60
C MET E 268 1.59 -37.88 2.09
N GLN E 269 2.74 -37.96 1.43
CA GLN E 269 3.95 -37.26 1.82
C GLN E 269 4.25 -36.17 0.79
N HIS E 270 4.30 -34.92 1.25
CA HIS E 270 4.32 -33.74 0.38
C HIS E 270 5.47 -32.80 0.77
N LEU E 271 6.68 -33.34 0.90
CA LEU E 271 7.83 -32.46 1.06
C LEU E 271 8.50 -32.19 -0.27
N GLU E 272 8.68 -33.22 -1.09
CA GLU E 272 9.25 -33.09 -2.42
C GLU E 272 8.32 -33.71 -3.45
N TYR E 273 8.50 -33.30 -4.70
CA TYR E 273 7.76 -33.85 -5.82
C TYR E 273 8.48 -35.08 -6.37
N PRO E 274 7.72 -36.09 -6.88
CA PRO E 274 6.27 -36.23 -7.01
C PRO E 274 5.56 -36.64 -5.71
N LEU E 275 4.27 -36.94 -5.82
CA LEU E 275 3.47 -37.37 -4.68
C LEU E 275 3.73 -38.84 -4.42
N THR E 276 4.40 -39.14 -3.30
CA THR E 276 4.64 -40.52 -2.92
C THR E 276 3.47 -41.06 -2.11
N PHE E 277 3.22 -42.36 -2.26
CA PHE E 277 2.11 -43.02 -1.59
C PHE E 277 2.54 -44.35 -0.98
N GLY E 278 1.57 -45.13 -0.51
CA GLY E 278 1.86 -46.43 0.05
C GLY E 278 1.11 -47.55 -0.66
N ALA E 279 0.29 -48.29 0.07
CA ALA E 279 -0.47 -49.38 -0.50
C ALA E 279 -1.95 -49.29 -0.13
N GLY E 280 -2.24 -48.67 1.01
CA GLY E 280 -3.61 -48.54 1.48
C GLY E 280 -3.82 -49.17 2.84
N THR E 281 -4.73 -48.61 3.63
CA THR E 281 -5.04 -49.12 4.97
C THR E 281 -6.55 -49.03 5.17
N LYS E 282 -7.22 -50.17 5.14
CA LYS E 282 -8.65 -50.24 5.36
C LYS E 282 -8.94 -51.02 6.64
N LEU E 283 -10.11 -50.77 7.21
CA LEU E 283 -10.53 -51.44 8.42
C LEU E 283 -11.49 -52.58 8.08
N GLU E 284 -11.97 -53.27 9.11
CA GLU E 284 -12.90 -54.38 8.93
C GLU E 284 -13.76 -54.52 10.18
N LEU E 285 -14.97 -55.07 10.01
CA LEU E 285 -15.86 -55.24 11.14
C LEU E 285 -15.50 -56.46 11.97
N LYS E 286 -15.01 -57.52 11.31
CA LYS E 286 -14.63 -58.74 12.01
C LYS E 286 -13.28 -58.49 12.67
#